data_9EJ2
#
_entry.id   9EJ2
#
_cell.length_a   45.296
_cell.length_b   120.160
_cell.length_c   61.118
_cell.angle_alpha   90.00
_cell.angle_beta   111.47
_cell.angle_gamma   90.00
#
_symmetry.space_group_name_H-M   'P 1 21 1'
#
loop_
_entity.id
_entity.type
_entity.pdbx_description
1 polymer 'Phosphoenolpyruvate carboxykinase, cytosolic [GTP]'
2 non-polymer 'MANGANESE (II) ION'
3 non-polymer 'OXALATE ION'
4 non-polymer "GUANOSINE-5'-TRIPHOSPHATE"
5 non-polymer 'TRIETHYLENE GLYCOL'
6 water water
#
_entity_poly.entity_id   1
_entity_poly.type   'polypeptide(L)'
_entity_poly.pdbx_seq_one_letter_code
;MPPQLHNGLDFSAKVIQGSLDSLPQEVRKFVEGNAQLCQPEYIHICDGSEEEYGRLLAHMQEEGVIRKLKKYDNCWLALT
DPRDVARIESKTVIITQEQRDTVPIPKSGQSQLGRWMSEEDFEKAFNARFPGCMKGRTMYVIPFSMGPLGSPLAKIGIEL
TDSPYVVASMRIMTRMGTSVLEALGDGEFIKCLHSVGCPLPLKKPLVNNWACNPELTLIAHLPDRREIISFGSGYGGNSL
LGKKCFALRIASRLAKEEGWLAEHMLILGITNPEGKKKYLAAAFPSACGKTNLAMMNPTLPGWKVECVGDDIAWMKFDAQ
GNLRAINPENGFFGVAPGTSVKTNPNAIKTIQKNTIFTNVAETSDGGVYWEGIDEPLAPGVTITSWKNKEWRPQDEEPCA
HPNSRFCTPASQCPIIDPAWESPEGVPIEGIIFGGRRPAGVPLVYEALSWQHGVFVGAAMRSEATAAAEHKGKVIMHDPF
AMRPFFGYNFGKYLAHWLSMAHRPAAKLPKIFHVNWFRKDKNGKFLWPGFGENSRVLEWMFGRIEGEDSAKLTPIGYVPK
EDALNLKGLGDVNVEELFGISKEFWEKEVEEIDKYLEDQVNADLPYEIERELRALKQRISQM
;
_entity_poly.pdbx_strand_id   A
#
loop_
_chem_comp.id
_chem_comp.type
_chem_comp.name
_chem_comp.formula
GTP non-polymer GUANOSINE-5'-TRIPHOSPHATE 'C10 H16 N5 O14 P3'
MN non-polymer 'MANGANESE (II) ION' 'Mn 2'
OXL non-polymer 'OXALATE ION' 'C2 O4 -2'
PGE non-polymer 'TRIETHYLENE GLYCOL' 'C6 H14 O4'
#
# COMPACT_ATOMS: atom_id res chain seq x y z
N PRO A 3 31.01 -9.37 -32.28
CA PRO A 3 29.69 -8.76 -32.45
C PRO A 3 29.72 -7.23 -32.34
N GLN A 4 30.91 -6.68 -32.11
CA GLN A 4 31.08 -5.23 -31.98
C GLN A 4 32.40 -4.83 -32.64
N LEU A 5 32.51 -3.53 -32.93
CA LEU A 5 33.69 -3.00 -33.60
C LEU A 5 34.70 -2.39 -32.65
N HIS A 6 34.27 -1.90 -31.48
CA HIS A 6 35.17 -1.26 -30.53
C HIS A 6 35.02 -1.79 -29.11
N ASN A 7 34.18 -2.81 -28.91
CA ASN A 7 33.90 -3.34 -27.57
C ASN A 7 33.40 -2.23 -26.65
N GLY A 8 32.55 -1.35 -27.19
CA GLY A 8 32.01 -0.24 -26.44
C GLY A 8 30.72 -0.52 -25.72
N LEU A 9 30.09 -1.66 -25.98
CA LEU A 9 28.84 -2.03 -25.33
C LEU A 9 28.97 -3.28 -24.47
N ASP A 10 30.18 -3.72 -24.18
CA ASP A 10 30.42 -4.89 -23.34
C ASP A 10 30.74 -4.40 -21.93
N PHE A 11 29.78 -4.53 -21.02
CA PHE A 11 29.92 -4.09 -19.65
C PHE A 11 30.40 -5.20 -18.71
N SER A 12 31.01 -6.26 -19.26
CA SER A 12 31.47 -7.35 -18.42
C SER A 12 32.56 -6.88 -17.46
N ALA A 13 33.46 -6.00 -17.92
CA ALA A 13 34.54 -5.51 -17.09
C ALA A 13 34.09 -4.61 -15.94
N LYS A 14 32.79 -4.29 -15.85
CA LYS A 14 32.28 -3.44 -14.79
C LYS A 14 31.41 -4.19 -13.80
N VAL A 15 31.29 -5.51 -13.91
CA VAL A 15 30.43 -6.30 -13.03
C VAL A 15 31.24 -6.68 -11.80
N ILE A 16 30.88 -6.10 -10.64
CA ILE A 16 31.58 -6.41 -9.39
C ILE A 16 30.96 -7.59 -8.64
N GLN A 17 29.80 -8.08 -9.09
CA GLN A 17 29.23 -9.29 -8.52
C GLN A 17 28.27 -9.90 -9.55
N GLY A 18 28.45 -11.17 -9.84
CA GLY A 18 27.62 -11.86 -10.81
C GLY A 18 28.28 -11.94 -12.17
N SER A 19 27.48 -12.40 -13.13
CA SER A 19 27.95 -12.56 -14.50
C SER A 19 26.82 -12.23 -15.46
N LEU A 20 27.11 -11.39 -16.45
CA LEU A 20 26.12 -11.11 -17.49
C LEU A 20 25.86 -12.35 -18.33
N ASP A 21 26.82 -13.26 -18.42
CA ASP A 21 26.64 -14.50 -19.16
C ASP A 21 25.60 -15.40 -18.50
N SER A 22 25.52 -15.37 -17.17
CA SER A 22 24.54 -16.18 -16.46
C SER A 22 23.12 -15.65 -16.58
N LEU A 23 22.95 -14.43 -17.09
CA LEU A 23 21.62 -13.85 -17.21
C LEU A 23 20.90 -14.36 -18.45
N PRO A 24 19.58 -14.50 -18.39
CA PRO A 24 18.81 -14.85 -19.60
C PRO A 24 18.96 -13.79 -20.67
N GLN A 25 18.51 -14.13 -21.88
CA GLN A 25 18.71 -13.27 -23.03
C GLN A 25 18.01 -11.92 -22.84
N GLU A 26 16.69 -11.96 -22.60
CA GLU A 26 15.95 -10.71 -22.44
C GLU A 26 16.34 -9.95 -21.18
N VAL A 27 16.84 -10.66 -20.17
CA VAL A 27 17.30 -9.99 -18.96
C VAL A 27 18.59 -9.22 -19.23
N ARG A 28 19.53 -9.84 -19.94
CA ARG A 28 20.80 -9.17 -20.22
C ARG A 28 20.60 -7.96 -21.13
N LYS A 29 19.71 -8.08 -22.11
CA LYS A 29 19.41 -6.94 -22.98
C LYS A 29 18.91 -5.75 -22.17
N PHE A 30 18.07 -6.01 -21.17
CA PHE A 30 17.54 -4.94 -20.35
C PHE A 30 18.62 -4.31 -19.48
N VAL A 31 19.57 -5.12 -19.01
CA VAL A 31 20.62 -4.60 -18.13
C VAL A 31 21.62 -3.77 -18.93
N GLU A 32 22.19 -4.35 -19.99
CA GLU A 32 23.21 -3.66 -20.77
C GLU A 32 22.63 -2.46 -21.51
N GLY A 33 21.37 -2.52 -21.90
CA GLY A 33 20.76 -1.41 -22.62
C GLY A 33 20.70 -0.14 -21.78
N ASN A 34 20.28 -0.27 -20.52
CA ASN A 34 20.21 0.89 -19.64
C ASN A 34 21.56 1.22 -19.03
N ALA A 35 22.45 0.23 -18.89
CA ALA A 35 23.82 0.53 -18.49
C ALA A 35 24.49 1.45 -19.50
N GLN A 36 24.17 1.27 -20.78
CA GLN A 36 24.69 2.18 -21.81
C GLN A 36 24.05 3.55 -21.72
N LEU A 37 22.80 3.63 -21.27
CA LEU A 37 22.09 4.91 -21.21
C LEU A 37 22.48 5.70 -19.96
N CYS A 38 22.42 5.07 -18.80
CA CYS A 38 22.66 5.74 -17.53
C CYS A 38 24.14 5.84 -17.17
N GLN A 39 24.99 5.02 -17.80
N GLN A 39 24.99 5.03 -17.80
CA GLN A 39 26.44 5.04 -17.61
CA GLN A 39 26.44 5.04 -17.61
C GLN A 39 26.82 4.88 -16.14
C GLN A 39 26.82 4.88 -16.14
N PRO A 40 26.58 3.71 -15.55
CA PRO A 40 27.03 3.49 -14.17
C PRO A 40 28.51 3.10 -14.13
N GLU A 41 29.11 3.30 -12.97
CA GLU A 41 30.50 2.92 -12.80
C GLU A 41 30.67 1.42 -12.60
N TYR A 42 29.77 0.80 -11.85
CA TYR A 42 29.79 -0.64 -11.62
C TYR A 42 28.41 -1.21 -11.82
N ILE A 43 28.35 -2.54 -11.92
CA ILE A 43 27.10 -3.29 -12.04
C ILE A 43 27.13 -4.42 -11.03
N HIS A 44 26.10 -4.49 -10.19
CA HIS A 44 26.03 -5.45 -9.09
C HIS A 44 24.77 -6.28 -9.25
N ILE A 45 24.92 -7.55 -9.61
CA ILE A 45 23.80 -8.47 -9.75
C ILE A 45 23.53 -9.09 -8.38
N CYS A 46 22.41 -8.70 -7.77
CA CYS A 46 22.09 -9.14 -6.42
C CYS A 46 21.80 -10.63 -6.38
N ASP A 47 22.16 -11.27 -5.26
CA ASP A 47 21.87 -12.68 -5.04
C ASP A 47 21.02 -12.92 -3.80
N GLY A 48 20.64 -11.88 -3.06
CA GLY A 48 19.77 -12.02 -1.90
C GLY A 48 20.40 -12.64 -0.69
N SER A 49 21.71 -12.88 -0.69
CA SER A 49 22.37 -13.59 0.39
C SER A 49 22.53 -12.70 1.61
N GLU A 50 22.85 -13.34 2.74
CA GLU A 50 23.12 -12.60 3.97
C GLU A 50 24.43 -11.81 3.87
N GLU A 51 25.44 -12.38 3.22
CA GLU A 51 26.71 -11.68 3.05
C GLU A 51 26.52 -10.40 2.23
N GLU A 52 25.64 -10.45 1.22
CA GLU A 52 25.38 -9.28 0.40
C GLU A 52 24.65 -8.21 1.21
N TYR A 53 23.65 -8.61 2.01
CA TYR A 53 22.94 -7.65 2.84
C TYR A 53 23.87 -6.99 3.84
N GLY A 54 24.80 -7.76 4.41
CA GLY A 54 25.75 -7.18 5.34
C GLY A 54 26.65 -6.14 4.69
N ARG A 55 27.06 -6.39 3.44
CA ARG A 55 27.92 -5.44 2.74
C ARG A 55 27.16 -4.21 2.27
N LEU A 56 25.85 -4.33 2.03
CA LEU A 56 25.05 -3.15 1.73
C LEU A 56 24.95 -2.25 2.96
N LEU A 57 24.69 -2.85 4.13
CA LEU A 57 24.58 -2.07 5.36
C LEU A 57 25.88 -1.35 5.67
N ALA A 58 27.00 -2.06 5.58
CA ALA A 58 28.30 -1.43 5.85
C ALA A 58 28.57 -0.29 4.88
N HIS A 59 28.23 -0.48 3.59
CA HIS A 59 28.41 0.58 2.62
C HIS A 59 27.58 1.81 2.98
N MET A 60 26.27 1.61 3.23
CA MET A 60 25.41 2.73 3.58
C MET A 60 25.85 3.40 4.88
N GLN A 61 26.34 2.61 5.83
CA GLN A 61 26.79 3.19 7.10
C GLN A 61 28.04 4.03 6.91
N GLU A 62 28.91 3.65 5.98
CA GLU A 62 30.12 4.42 5.70
C GLU A 62 29.85 5.66 4.85
N GLU A 63 28.75 5.67 4.11
CA GLU A 63 28.35 6.84 3.34
C GLU A 63 27.43 7.77 4.12
N GLY A 64 27.23 7.51 5.42
CA GLY A 64 26.39 8.36 6.24
C GLY A 64 24.93 8.31 5.89
N VAL A 65 24.47 7.25 5.21
CA VAL A 65 23.07 7.17 4.83
C VAL A 65 22.22 6.63 5.97
N ILE A 66 22.72 5.65 6.71
CA ILE A 66 21.98 5.04 7.80
C ILE A 66 22.85 5.00 9.05
N ARG A 67 22.18 4.96 10.20
CA ARG A 67 22.81 4.82 11.51
C ARG A 67 22.37 3.51 12.14
N LYS A 68 23.20 2.98 13.03
CA LYS A 68 22.89 1.74 13.73
C LYS A 68 22.18 2.05 15.04
N LEU A 69 21.04 1.40 15.26
CA LEU A 69 20.28 1.54 16.51
C LEU A 69 20.79 0.46 17.46
N LYS A 70 21.73 0.86 18.34
CA LYS A 70 22.44 -0.12 19.14
C LYS A 70 21.58 -0.78 20.20
N LYS A 71 20.41 -0.21 20.51
CA LYS A 71 19.55 -0.79 21.53
C LYS A 71 18.86 -2.08 21.07
N TYR A 72 18.69 -2.27 19.76
CA TYR A 72 17.98 -3.42 19.23
C TYR A 72 18.96 -4.30 18.44
N ASP A 73 18.45 -5.41 17.94
CA ASP A 73 19.24 -6.40 17.21
C ASP A 73 19.07 -6.15 15.71
N ASN A 74 20.13 -5.61 15.08
CA ASN A 74 20.18 -5.43 13.63
C ASN A 74 19.04 -4.54 13.14
N CYS A 75 18.95 -3.35 13.71
CA CYS A 75 18.00 -2.34 13.29
C CYS A 75 18.75 -1.07 12.91
N TRP A 76 18.22 -0.36 11.92
CA TRP A 76 18.92 0.77 11.33
C TRP A 76 17.95 1.93 11.10
N LEU A 77 18.46 3.14 11.24
CA LEU A 77 17.68 4.36 11.07
C LEU A 77 18.18 5.11 9.84
N ALA A 78 17.26 5.63 9.04
CA ALA A 78 17.58 6.42 7.86
C ALA A 78 16.79 7.72 7.89
N LEU A 79 17.49 8.83 7.71
CA LEU A 79 16.87 10.16 7.67
C LEU A 79 17.03 10.73 6.27
N THR A 80 15.91 11.15 5.67
CA THR A 80 15.87 11.53 4.28
C THR A 80 15.75 13.04 4.14
N ASP A 81 15.82 13.50 2.89
CA ASP A 81 15.57 14.89 2.58
C ASP A 81 14.11 15.22 2.92
N PRO A 82 13.84 16.36 3.57
CA PRO A 82 12.46 16.69 3.95
C PRO A 82 11.52 16.87 2.77
N ARG A 83 12.03 16.98 1.55
CA ARG A 83 11.20 17.08 0.35
C ARG A 83 10.88 15.73 -0.27
N ASP A 84 11.37 14.64 0.33
CA ASP A 84 11.25 13.29 -0.23
C ASP A 84 10.74 12.36 0.87
N VAL A 85 9.47 12.54 1.27
CA VAL A 85 8.94 11.88 2.45
C VAL A 85 7.70 11.04 2.17
N ALA A 86 7.05 11.18 1.02
CA ALA A 86 5.81 10.46 0.78
C ALA A 86 5.62 10.27 -0.73
N ARG A 87 4.48 9.71 -1.11
CA ARG A 87 4.14 9.58 -2.51
C ARG A 87 3.80 10.94 -3.10
N ILE A 88 3.99 11.07 -4.41
CA ILE A 88 3.68 12.30 -5.14
C ILE A 88 2.65 11.92 -6.20
N GLU A 89 1.37 12.00 -5.84
CA GLU A 89 0.31 11.62 -6.77
C GLU A 89 0.28 12.54 -7.99
N SER A 90 0.72 13.78 -7.83
CA SER A 90 0.75 14.73 -8.94
C SER A 90 1.87 14.45 -9.94
N LYS A 91 2.86 13.62 -9.58
CA LYS A 91 3.93 13.26 -10.50
C LYS A 91 3.91 11.77 -10.83
N THR A 92 2.78 11.10 -10.65
CA THR A 92 2.60 9.71 -10.99
C THR A 92 1.68 9.61 -12.20
N VAL A 93 2.21 9.12 -13.32
CA VAL A 93 1.52 9.17 -14.60
C VAL A 93 1.43 7.77 -15.19
N ILE A 94 0.43 7.59 -16.04
CA ILE A 94 0.20 6.33 -16.76
C ILE A 94 0.17 6.64 -18.25
N ILE A 95 0.99 5.92 -19.02
CA ILE A 95 1.14 6.15 -20.44
C ILE A 95 0.42 5.03 -21.18
N THR A 96 -0.60 5.40 -21.96
CA THR A 96 -1.30 4.46 -22.83
C THR A 96 -1.55 5.13 -24.18
N GLN A 97 -1.90 4.32 -25.17
CA GLN A 97 -2.16 4.85 -26.51
C GLN A 97 -3.35 5.80 -26.50
N GLU A 98 -4.44 5.40 -25.86
CA GLU A 98 -5.63 6.21 -25.75
C GLU A 98 -5.86 6.62 -24.31
N GLN A 99 -6.25 7.88 -24.11
CA GLN A 99 -6.49 8.39 -22.76
C GLN A 99 -7.60 7.62 -22.07
N ARG A 100 -8.62 7.19 -22.82
CA ARG A 100 -9.76 6.50 -22.23
C ARG A 100 -9.38 5.13 -21.67
N ASP A 101 -8.21 4.60 -22.04
CA ASP A 101 -7.74 3.35 -21.46
C ASP A 101 -7.24 3.54 -20.03
N THR A 102 -6.95 4.78 -19.62
CA THR A 102 -6.43 5.07 -18.29
C THR A 102 -7.47 5.72 -17.39
N VAL A 103 -8.09 6.81 -17.83
CA VAL A 103 -9.09 7.51 -17.01
C VAL A 103 -10.37 7.71 -17.81
N PRO A 104 -11.53 7.65 -17.19
CA PRO A 104 -12.76 8.04 -17.88
C PRO A 104 -12.70 9.52 -18.27
N ILE A 105 -13.16 9.82 -19.47
CA ILE A 105 -13.15 11.20 -19.96
C ILE A 105 -14.13 12.00 -19.12
N PRO A 106 -13.65 13.00 -18.37
CA PRO A 106 -14.54 13.72 -17.46
C PRO A 106 -15.55 14.58 -18.23
N LYS A 107 -16.64 14.90 -17.55
CA LYS A 107 -17.69 15.70 -18.18
C LYS A 107 -17.41 17.19 -18.08
N SER A 108 -16.74 17.63 -17.01
CA SER A 108 -16.44 19.04 -16.83
C SER A 108 -14.99 19.24 -16.39
N GLY A 109 -14.69 18.98 -15.12
CA GLY A 109 -13.37 19.19 -14.60
C GLY A 109 -12.34 18.20 -15.13
N GLN A 110 -11.20 18.12 -14.46
CA GLN A 110 -10.17 17.17 -14.84
C GLN A 110 -10.31 15.89 -14.02
N SER A 111 -9.74 14.81 -14.55
CA SER A 111 -9.88 13.50 -13.94
C SER A 111 -9.09 13.41 -12.64
N GLN A 112 -9.76 13.01 -11.56
CA GLN A 112 -9.11 12.69 -10.30
C GLN A 112 -8.78 11.20 -10.20
N LEU A 113 -9.14 10.41 -11.21
CA LEU A 113 -8.95 8.97 -11.18
C LEU A 113 -7.62 8.53 -11.77
N GLY A 114 -6.71 9.45 -11.99
CA GLY A 114 -5.40 9.13 -12.53
C GLY A 114 -4.92 10.23 -13.46
N ARG A 115 -3.62 10.21 -13.73
CA ARG A 115 -2.99 11.14 -14.66
C ARG A 115 -2.48 10.37 -15.88
N TRP A 116 -2.86 10.84 -17.06
CA TRP A 116 -2.48 10.22 -18.32
C TRP A 116 -1.46 11.08 -19.05
N MET A 117 -0.48 10.43 -19.67
CA MET A 117 0.54 11.12 -20.44
C MET A 117 0.81 10.32 -21.71
N SER A 118 0.86 11.03 -22.84
CA SER A 118 1.09 10.36 -24.11
C SER A 118 2.54 9.88 -24.21
N GLU A 119 2.78 8.98 -25.16
CA GLU A 119 4.12 8.46 -25.37
C GLU A 119 5.08 9.55 -25.85
N GLU A 120 4.59 10.43 -26.72
CA GLU A 120 5.45 11.50 -27.24
C GLU A 120 5.92 12.42 -26.13
N ASP A 121 5.01 12.81 -25.23
CA ASP A 121 5.39 13.69 -24.13
C ASP A 121 6.31 12.98 -23.15
N PHE A 122 6.11 11.68 -22.93
CA PHE A 122 6.96 10.95 -22.00
C PHE A 122 8.38 10.79 -22.53
N GLU A 123 8.54 10.64 -23.84
CA GLU A 123 9.87 10.51 -24.42
C GLU A 123 10.70 11.76 -24.16
N LYS A 124 10.10 12.94 -24.35
CA LYS A 124 10.79 14.19 -24.07
C LYS A 124 11.19 14.27 -22.60
N ALA A 125 10.31 13.83 -21.70
CA ALA A 125 10.64 13.84 -20.28
C ALA A 125 11.72 12.81 -19.95
N PHE A 126 11.67 11.64 -20.60
CA PHE A 126 12.63 10.59 -20.33
C PHE A 126 14.04 10.99 -20.77
N ASN A 127 14.15 11.53 -21.99
CA ASN A 127 15.46 11.92 -22.50
C ASN A 127 16.06 13.11 -21.74
N ALA A 128 15.24 13.83 -20.98
CA ALA A 128 15.72 14.96 -20.19
C ALA A 128 16.11 14.56 -18.78
N ARG A 129 16.21 13.26 -18.48
CA ARG A 129 16.45 12.82 -17.13
C ARG A 129 17.51 11.71 -17.05
N PHE A 130 17.24 10.58 -17.69
CA PHE A 130 18.01 9.37 -17.49
C PHE A 130 19.37 9.29 -18.17
N PRO A 131 19.60 9.96 -19.33
CA PRO A 131 20.95 9.92 -19.92
C PRO A 131 22.05 10.36 -18.97
N GLY A 132 22.88 9.41 -18.53
CA GLY A 132 24.01 9.71 -17.69
C GLY A 132 23.70 9.98 -16.23
N CYS A 133 22.57 9.50 -15.73
CA CYS A 133 22.14 9.81 -14.37
C CYS A 133 22.85 8.99 -13.30
N MET A 134 23.43 7.85 -13.66
CA MET A 134 24.10 6.98 -12.70
C MET A 134 25.63 7.10 -12.75
N LYS A 135 26.15 8.20 -13.30
CA LYS A 135 27.59 8.35 -13.44
C LYS A 135 28.27 8.35 -12.07
N GLY A 136 29.25 7.47 -11.91
CA GLY A 136 29.96 7.34 -10.65
C GLY A 136 29.27 6.49 -9.60
N ARG A 137 28.11 5.93 -9.91
CA ARG A 137 27.36 5.11 -8.97
C ARG A 137 27.30 3.66 -9.44
N THR A 138 26.76 2.81 -8.58
CA THR A 138 26.62 1.38 -8.86
C THR A 138 25.18 1.09 -9.24
N MET A 139 24.99 0.37 -10.34
N MET A 139 24.99 0.36 -10.33
CA MET A 139 23.67 -0.09 -10.76
CA MET A 139 23.66 -0.08 -10.76
C MET A 139 23.43 -1.47 -10.18
C MET A 139 23.40 -1.48 -10.22
N TYR A 140 22.45 -1.58 -9.29
CA TYR A 140 22.08 -2.86 -8.69
C TYR A 140 20.97 -3.50 -9.51
N VAL A 141 21.12 -4.79 -9.77
CA VAL A 141 20.13 -5.56 -10.52
C VAL A 141 19.41 -6.45 -9.53
N ILE A 142 18.15 -6.13 -9.25
CA ILE A 142 17.35 -6.81 -8.23
C ILE A 142 16.38 -7.75 -8.95
N PRO A 143 16.58 -9.07 -8.89
CA PRO A 143 15.56 -10.00 -9.39
C PRO A 143 14.62 -10.43 -8.29
N PHE A 144 13.39 -9.93 -8.30
CA PHE A 144 12.45 -10.18 -7.21
C PHE A 144 11.18 -10.84 -7.72
N SER A 145 10.45 -11.45 -6.79
CA SER A 145 9.20 -12.14 -7.07
C SER A 145 8.10 -11.60 -6.17
N MET A 146 6.96 -11.28 -6.77
CA MET A 146 5.77 -10.89 -6.04
C MET A 146 4.88 -12.12 -5.89
N GLY A 147 4.78 -12.64 -4.67
CA GLY A 147 4.06 -13.86 -4.41
C GLY A 147 4.99 -15.01 -4.12
N PRO A 148 4.44 -16.15 -3.71
CA PRO A 148 5.27 -17.33 -3.42
C PRO A 148 6.11 -17.73 -4.62
N LEU A 149 7.41 -17.89 -4.38
CA LEU A 149 8.33 -18.27 -5.45
C LEU A 149 7.97 -19.63 -6.01
N GLY A 150 8.03 -19.75 -7.34
CA GLY A 150 7.64 -20.96 -8.03
C GLY A 150 6.16 -21.15 -8.20
N SER A 151 5.33 -20.41 -7.47
CA SER A 151 3.89 -20.52 -7.63
C SER A 151 3.48 -19.98 -9.00
N PRO A 152 2.52 -20.63 -9.67
CA PRO A 152 2.12 -20.17 -11.01
C PRO A 152 1.48 -18.79 -11.03
N LEU A 153 0.90 -18.33 -9.92
CA LEU A 153 0.26 -17.03 -9.87
C LEU A 153 1.24 -15.90 -9.55
N ALA A 154 2.50 -16.22 -9.24
CA ALA A 154 3.47 -15.19 -8.93
C ALA A 154 3.95 -14.49 -10.19
N LYS A 155 4.39 -13.24 -10.02
CA LYS A 155 4.93 -12.43 -11.11
C LYS A 155 6.32 -11.97 -10.74
N ILE A 156 7.25 -12.07 -11.69
CA ILE A 156 8.66 -11.78 -11.47
C ILE A 156 9.00 -10.45 -12.12
N GLY A 157 9.85 -9.66 -11.45
CA GLY A 157 10.30 -8.41 -12.00
C GLY A 157 11.79 -8.24 -11.79
N ILE A 158 12.36 -7.32 -12.59
CA ILE A 158 13.76 -6.94 -12.49
C ILE A 158 13.81 -5.43 -12.26
N GLU A 159 14.33 -5.02 -11.11
CA GLU A 159 14.50 -3.61 -10.81
C GLU A 159 15.97 -3.23 -10.92
N LEU A 160 16.25 -2.20 -11.71
CA LEU A 160 17.56 -1.57 -11.78
C LEU A 160 17.51 -0.28 -10.96
N THR A 161 18.44 -0.14 -10.02
CA THR A 161 18.47 1.04 -9.18
C THR A 161 19.91 1.36 -8.82
N ASP A 162 20.16 2.63 -8.51
CA ASP A 162 21.48 3.08 -8.06
C ASP A 162 21.48 3.43 -6.57
N SER A 163 20.51 2.93 -5.82
CA SER A 163 20.39 3.22 -4.39
C SER A 163 20.44 1.92 -3.60
N PRO A 164 21.48 1.70 -2.79
CA PRO A 164 21.50 0.50 -1.94
C PRO A 164 20.42 0.51 -0.87
N TYR A 165 19.91 1.69 -0.50
CA TYR A 165 18.75 1.75 0.39
C TYR A 165 17.55 1.05 -0.21
N VAL A 166 17.39 1.16 -1.54
CA VAL A 166 16.31 0.46 -2.22
C VAL A 166 16.54 -1.04 -2.21
N VAL A 167 17.79 -1.47 -2.44
CA VAL A 167 18.09 -2.90 -2.46
C VAL A 167 17.80 -3.54 -1.12
N ALA A 168 18.21 -2.88 -0.03
CA ALA A 168 17.97 -3.44 1.30
C ALA A 168 16.47 -3.53 1.61
N SER A 169 15.71 -2.50 1.25
CA SER A 169 14.27 -2.52 1.49
C SER A 169 13.59 -3.58 0.64
N MET A 170 14.02 -3.72 -0.62
CA MET A 170 13.44 -4.73 -1.49
C MET A 170 13.71 -6.14 -0.98
N ARG A 171 14.84 -6.36 -0.31
CA ARG A 171 15.10 -7.67 0.29
C ARG A 171 14.11 -7.99 1.38
N ILE A 172 13.59 -6.97 2.07
CA ILE A 172 12.61 -7.19 3.12
C ILE A 172 11.21 -7.30 2.53
N MET A 173 10.87 -6.40 1.61
CA MET A 173 9.49 -6.29 1.14
C MET A 173 9.15 -7.30 0.05
N THR A 174 10.13 -7.87 -0.64
CA THR A 174 9.88 -8.86 -1.68
C THR A 174 10.79 -10.06 -1.47
N ARG A 175 10.62 -11.05 -2.34
CA ARG A 175 11.45 -12.26 -2.35
C ARG A 175 12.43 -12.12 -3.51
N MET A 176 13.66 -11.73 -3.21
N MET A 176 13.67 -11.74 -3.21
CA MET A 176 14.67 -11.49 -4.22
CA MET A 176 14.66 -11.50 -4.24
C MET A 176 15.86 -12.41 -3.99
C MET A 176 15.92 -12.33 -3.98
N GLY A 177 16.65 -12.60 -5.05
CA GLY A 177 17.85 -13.41 -4.97
C GLY A 177 18.08 -14.16 -6.25
N THR A 178 19.05 -15.08 -6.20
CA THR A 178 19.41 -15.85 -7.39
C THR A 178 18.33 -16.87 -7.75
N SER A 179 17.64 -17.42 -6.76
CA SER A 179 16.62 -18.42 -7.02
C SER A 179 15.47 -17.88 -7.87
N VAL A 180 15.28 -16.55 -7.88
CA VAL A 180 14.24 -15.96 -8.72
C VAL A 180 14.69 -15.98 -10.18
N LEU A 181 15.99 -15.78 -10.43
CA LEU A 181 16.50 -15.87 -11.80
C LEU A 181 16.36 -17.29 -12.34
N GLU A 182 16.54 -18.30 -11.49
CA GLU A 182 16.36 -19.68 -11.92
C GLU A 182 14.89 -19.99 -12.18
N ALA A 183 13.98 -19.36 -11.43
CA ALA A 183 12.55 -19.60 -11.67
C ALA A 183 12.05 -18.89 -12.91
N LEU A 184 12.67 -17.77 -13.28
CA LEU A 184 12.23 -17.03 -14.46
C LEU A 184 12.58 -17.77 -15.74
N GLY A 185 13.85 -18.11 -15.92
CA GLY A 185 14.29 -18.72 -17.16
C GLY A 185 14.12 -17.80 -18.34
N ASP A 186 13.38 -18.24 -19.35
CA ASP A 186 13.04 -17.41 -20.50
C ASP A 186 11.61 -16.91 -20.46
N GLY A 187 11.03 -16.76 -19.26
CA GLY A 187 9.69 -16.24 -19.12
C GLY A 187 9.65 -14.73 -19.17
N GLU A 188 8.43 -14.21 -19.03
CA GLU A 188 8.24 -12.76 -19.03
C GLU A 188 8.54 -12.18 -17.65
N PHE A 189 8.89 -10.90 -17.63
CA PHE A 189 9.17 -10.20 -16.39
C PHE A 189 8.79 -8.72 -16.56
N ILE A 190 8.59 -8.07 -15.43
CA ILE A 190 8.30 -6.64 -15.40
C ILE A 190 9.61 -5.87 -15.37
N LYS A 191 9.74 -4.89 -16.25
CA LYS A 191 10.97 -4.09 -16.35
C LYS A 191 10.82 -2.87 -15.46
N CYS A 192 11.63 -2.81 -14.40
CA CYS A 192 11.61 -1.71 -13.45
C CYS A 192 12.95 -0.99 -13.49
N LEU A 193 12.90 0.33 -13.61
CA LEU A 193 14.10 1.17 -13.68
C LEU A 193 13.93 2.34 -12.75
N HIS A 194 14.90 2.54 -11.87
CA HIS A 194 14.86 3.60 -10.86
C HIS A 194 16.22 4.27 -10.74
N SER A 195 16.19 5.58 -10.53
CA SER A 195 17.40 6.36 -10.31
C SER A 195 17.07 7.52 -9.38
N VAL A 196 18.01 7.84 -8.49
CA VAL A 196 17.82 8.98 -7.61
C VAL A 196 18.04 10.31 -8.32
N GLY A 197 18.75 10.31 -9.44
CA GLY A 197 18.93 11.52 -10.22
C GLY A 197 20.05 12.42 -9.76
N CYS A 198 21.07 11.87 -9.11
CA CYS A 198 22.21 12.66 -8.64
C CYS A 198 23.50 12.01 -9.15
N PRO A 199 23.81 12.15 -10.43
CA PRO A 199 25.08 11.61 -10.94
C PRO A 199 26.26 12.36 -10.34
N LEU A 200 27.32 11.62 -10.04
CA LEU A 200 28.53 12.20 -9.51
C LEU A 200 29.34 12.86 -10.62
N PRO A 201 30.02 13.98 -10.32
CA PRO A 201 30.13 14.67 -9.03
C PRO A 201 28.86 15.43 -8.65
N LEU A 202 28.61 15.62 -7.37
CA LEU A 202 27.39 16.26 -6.91
C LEU A 202 27.42 17.76 -7.20
N LYS A 203 26.46 18.23 -8.00
CA LYS A 203 26.30 19.66 -8.22
C LYS A 203 25.59 20.32 -7.04
N LYS A 204 24.67 19.62 -6.40
CA LYS A 204 23.91 20.14 -5.28
C LYS A 204 24.32 19.42 -4.01
N PRO A 205 24.52 20.14 -2.90
CA PRO A 205 24.77 19.45 -1.62
C PRO A 205 23.54 18.71 -1.15
N LEU A 206 23.75 17.51 -0.63
CA LEU A 206 22.66 16.64 -0.22
C LEU A 206 22.27 16.88 1.23
N VAL A 207 20.97 16.93 1.49
CA VAL A 207 20.45 17.10 2.84
C VAL A 207 20.43 15.74 3.52
N ASN A 208 21.10 15.64 4.68
CA ASN A 208 21.21 14.40 5.44
C ASN A 208 21.76 13.26 4.59
N ASN A 209 22.67 13.57 3.66
CA ASN A 209 23.29 12.61 2.76
C ASN A 209 22.26 11.87 1.91
N TRP A 210 21.06 12.42 1.75
CA TRP A 210 19.99 11.75 1.03
C TRP A 210 19.99 12.21 -0.42
N ALA A 211 20.42 11.31 -1.32
CA ALA A 211 20.47 11.63 -2.73
C ALA A 211 19.07 11.65 -3.32
N CYS A 212 18.66 12.79 -3.86
CA CYS A 212 17.33 12.94 -4.43
C CYS A 212 17.32 14.13 -5.37
N ASN A 213 16.40 14.10 -6.34
CA ASN A 213 16.19 15.19 -7.28
C ASN A 213 14.71 15.52 -7.26
N PRO A 214 14.27 16.39 -6.34
CA PRO A 214 12.82 16.64 -6.20
C PRO A 214 12.22 17.37 -7.38
N GLU A 215 12.97 18.26 -8.03
CA GLU A 215 12.40 19.07 -9.11
C GLU A 215 12.05 18.24 -10.33
N LEU A 216 12.75 17.12 -10.54
CA LEU A 216 12.54 16.29 -11.72
C LEU A 216 11.87 14.96 -11.38
N THR A 217 11.22 14.88 -10.22
CA THR A 217 10.59 13.63 -9.81
C THR A 217 9.49 13.23 -10.79
N LEU A 218 9.49 11.95 -11.16
CA LEU A 218 8.49 11.43 -12.10
C LEU A 218 8.43 9.93 -11.93
N ILE A 219 7.21 9.40 -11.73
CA ILE A 219 6.97 7.96 -11.63
C ILE A 219 5.98 7.61 -12.74
N ALA A 220 6.45 6.94 -13.78
CA ALA A 220 5.66 6.64 -14.96
C ALA A 220 5.44 5.14 -15.09
N HIS A 221 4.24 4.78 -15.58
CA HIS A 221 3.86 3.40 -15.80
C HIS A 221 3.44 3.23 -17.25
N LEU A 222 3.99 2.21 -17.92
CA LEU A 222 3.64 1.89 -19.30
C LEU A 222 3.13 0.46 -19.32
N PRO A 223 1.84 0.24 -19.10
CA PRO A 223 1.33 -1.14 -19.02
C PRO A 223 1.46 -1.91 -20.33
N ASP A 224 1.30 -1.23 -21.48
CA ASP A 224 1.44 -1.92 -22.76
C ASP A 224 2.84 -2.49 -22.95
N ARG A 225 3.84 -1.94 -22.28
CA ARG A 225 5.22 -2.42 -22.39
C ARG A 225 5.69 -3.14 -21.13
N ARG A 226 4.84 -3.26 -20.11
CA ARG A 226 5.21 -3.86 -18.83
C ARG A 226 6.47 -3.20 -18.27
N GLU A 227 6.46 -1.87 -18.22
CA GLU A 227 7.61 -1.09 -17.78
C GLU A 227 7.19 -0.10 -16.70
N ILE A 228 8.03 0.02 -15.69
CA ILE A 228 7.87 1.02 -14.63
C ILE A 228 9.17 1.82 -14.58
N ILE A 229 9.06 3.13 -14.77
CA ILE A 229 10.21 4.02 -14.85
C ILE A 229 10.04 5.13 -13.82
N SER A 230 10.95 5.20 -12.85
CA SER A 230 10.85 6.12 -11.73
C SER A 230 12.16 6.88 -11.56
N PHE A 231 12.06 8.19 -11.33
CA PHE A 231 13.21 9.06 -11.30
C PHE A 231 13.03 10.14 -10.24
N GLY A 232 14.11 10.43 -9.51
CA GLY A 232 14.14 11.57 -8.61
C GLY A 232 13.92 11.26 -7.13
N SER A 233 12.96 10.40 -6.82
CA SER A 233 12.56 10.12 -5.46
C SER A 233 13.26 8.87 -4.93
N GLY A 234 13.25 8.73 -3.60
CA GLY A 234 13.81 7.58 -2.94
C GLY A 234 12.87 6.96 -1.92
N TYR A 235 11.77 7.67 -1.62
CA TYR A 235 10.77 7.15 -0.70
C TYR A 235 10.21 5.83 -1.21
N GLY A 236 9.82 4.97 -0.26
CA GLY A 236 9.45 3.60 -0.59
C GLY A 236 8.35 3.51 -1.63
N GLY A 237 7.32 4.36 -1.50
CA GLY A 237 6.22 4.33 -2.44
C GLY A 237 6.61 4.69 -3.86
N ASN A 238 7.73 5.38 -4.04
CA ASN A 238 8.20 5.77 -5.35
C ASN A 238 9.38 4.94 -5.86
N SER A 239 10.16 4.35 -4.96
CA SER A 239 11.38 3.63 -5.32
C SER A 239 11.25 2.12 -5.24
N LEU A 240 10.49 1.59 -4.29
CA LEU A 240 10.21 0.15 -4.23
C LEU A 240 9.14 -0.15 -5.28
N LEU A 241 9.62 -0.34 -6.52
CA LEU A 241 8.72 -0.40 -7.66
C LEU A 241 7.81 -1.62 -7.65
N GLY A 242 8.13 -2.63 -6.86
CA GLY A 242 7.29 -3.81 -6.78
C GLY A 242 6.09 -3.71 -5.88
N LYS A 243 5.90 -2.56 -5.21
CA LYS A 243 4.81 -2.42 -4.25
C LYS A 243 3.60 -1.73 -4.88
N LYS A 244 3.60 -0.40 -4.88
CA LYS A 244 2.47 0.33 -5.44
C LYS A 244 2.48 0.31 -6.96
N CYS A 245 3.65 0.54 -7.56
CA CYS A 245 3.73 0.68 -9.02
C CYS A 245 3.41 -0.64 -9.72
N PHE A 246 3.94 -1.75 -9.21
CA PHE A 246 3.74 -3.06 -9.83
C PHE A 246 2.49 -3.75 -9.28
N ALA A 247 2.47 -4.05 -7.97
CA ALA A 247 1.46 -4.92 -7.42
C ALA A 247 0.07 -4.29 -7.37
N LEU A 248 -0.07 -2.99 -7.62
CA LEU A 248 -1.36 -2.33 -7.64
C LEU A 248 -1.68 -1.80 -9.04
N ARG A 249 -0.92 -0.81 -9.54
CA ARG A 249 -1.28 -0.15 -10.79
C ARG A 249 -1.14 -1.10 -11.98
N ILE A 250 0.05 -1.66 -12.18
CA ILE A 250 0.24 -2.56 -13.32
C ILE A 250 -0.56 -3.84 -13.12
N ALA A 251 -0.61 -4.36 -11.90
CA ALA A 251 -1.33 -5.60 -11.64
C ALA A 251 -2.83 -5.44 -11.82
N SER A 252 -3.36 -4.24 -11.59
CA SER A 252 -4.81 -4.04 -11.76
C SER A 252 -5.21 -4.13 -13.23
N ARG A 253 -4.37 -3.63 -14.13
CA ARG A 253 -4.65 -3.77 -15.55
C ARG A 253 -4.52 -5.22 -15.99
N LEU A 254 -3.43 -5.89 -15.56
CA LEU A 254 -3.27 -7.31 -15.86
C LEU A 254 -4.44 -8.12 -15.33
N ALA A 255 -4.92 -7.79 -14.13
CA ALA A 255 -6.04 -8.50 -13.53
C ALA A 255 -7.33 -8.29 -14.32
N LYS A 256 -7.49 -7.10 -14.91
CA LYS A 256 -8.62 -6.88 -15.81
C LYS A 256 -8.53 -7.78 -17.04
N GLU A 257 -7.32 -7.92 -17.60
CA GLU A 257 -7.14 -8.74 -18.79
C GLU A 257 -7.34 -10.22 -18.47
N GLU A 258 -6.65 -10.72 -17.44
CA GLU A 258 -6.62 -12.14 -17.15
C GLU A 258 -7.79 -12.62 -16.30
N GLY A 259 -8.45 -11.72 -15.57
CA GLY A 259 -9.67 -12.08 -14.86
C GLY A 259 -9.50 -12.30 -13.37
N TRP A 260 -8.72 -11.46 -12.71
CA TRP A 260 -8.57 -11.52 -11.26
C TRP A 260 -8.62 -10.09 -10.72
N LEU A 261 -8.13 -9.90 -9.50
CA LEU A 261 -8.24 -8.60 -8.83
C LEU A 261 -6.94 -8.29 -8.10
N ALA A 262 -6.50 -7.03 -8.21
CA ALA A 262 -5.37 -6.50 -7.46
C ALA A 262 -5.87 -5.30 -6.68
N GLU A 263 -5.93 -5.42 -5.35
CA GLU A 263 -6.64 -4.46 -4.53
C GLU A 263 -5.79 -4.00 -3.34
N HIS A 264 -6.12 -2.80 -2.86
CA HIS A 264 -5.42 -2.17 -1.74
C HIS A 264 -6.10 -2.58 -0.43
N MET A 265 -5.94 -3.86 -0.10
CA MET A 265 -6.66 -4.47 1.01
C MET A 265 -5.73 -5.29 1.89
N LEU A 266 -6.04 -5.32 3.18
CA LEU A 266 -5.43 -6.27 4.10
C LEU A 266 -6.11 -7.63 3.96
N ILE A 267 -5.49 -8.65 4.55
CA ILE A 267 -6.08 -9.98 4.67
C ILE A 267 -5.82 -10.47 6.08
N LEU A 268 -6.89 -10.80 6.82
CA LEU A 268 -6.76 -11.36 8.15
C LEU A 268 -7.66 -12.58 8.29
N GLY A 269 -7.22 -13.50 9.13
CA GLY A 269 -8.05 -14.64 9.55
C GLY A 269 -8.43 -14.44 11.00
N ILE A 270 -9.70 -14.74 11.32
CA ILE A 270 -10.24 -14.54 12.65
C ILE A 270 -10.91 -15.83 13.11
N THR A 271 -10.63 -16.23 14.35
CA THR A 271 -11.13 -17.47 14.92
C THR A 271 -11.98 -17.15 16.15
N ASN A 272 -13.13 -17.79 16.25
CA ASN A 272 -14.08 -17.58 17.33
C ASN A 272 -13.90 -18.65 18.40
N PRO A 273 -14.51 -18.46 19.58
CA PRO A 273 -14.35 -19.46 20.65
C PRO A 273 -14.95 -20.83 20.34
N GLU A 274 -15.64 -21.00 19.22
CA GLU A 274 -16.26 -22.27 18.87
C GLU A 274 -15.40 -23.11 17.94
N GLY A 275 -14.24 -22.61 17.53
CA GLY A 275 -13.33 -23.36 16.68
C GLY A 275 -13.41 -23.08 15.20
N LYS A 276 -14.23 -22.12 14.78
CA LYS A 276 -14.37 -21.77 13.38
C LYS A 276 -13.49 -20.57 13.06
N LYS A 277 -12.96 -20.56 11.83
CA LYS A 277 -12.07 -19.51 11.37
C LYS A 277 -12.49 -19.06 9.99
N LYS A 278 -12.56 -17.74 9.80
CA LYS A 278 -12.90 -17.15 8.52
C LYS A 278 -11.84 -16.13 8.14
N TYR A 279 -11.76 -15.83 6.85
CA TYR A 279 -10.82 -14.83 6.33
C TYR A 279 -11.59 -13.65 5.79
N LEU A 280 -11.12 -12.44 6.11
CA LEU A 280 -11.73 -11.21 5.65
C LEU A 280 -10.67 -10.38 4.93
N ALA A 281 -11.15 -9.39 4.17
CA ALA A 281 -10.29 -8.41 3.52
C ALA A 281 -10.89 -7.03 3.71
N ALA A 282 -10.05 -6.05 3.99
CA ALA A 282 -10.51 -4.70 4.29
C ALA A 282 -9.72 -3.69 3.48
N ALA A 283 -10.44 -2.82 2.77
CA ALA A 283 -9.85 -1.75 1.97
C ALA A 283 -10.10 -0.42 2.68
N PHE A 284 -9.07 0.11 3.31
CA PHE A 284 -9.08 1.46 3.85
C PHE A 284 -8.04 2.30 3.10
N PRO A 285 -8.26 3.61 2.97
CA PRO A 285 -7.25 4.45 2.31
C PRO A 285 -5.94 4.49 3.10
N SER A 286 -4.95 5.19 2.56
CA SER A 286 -3.66 5.28 3.24
C SER A 286 -3.81 5.99 4.59
N ALA A 287 -3.10 5.47 5.60
CA ALA A 287 -3.13 5.99 6.97
C ALA A 287 -4.56 6.03 7.51
N CYS A 288 -5.25 4.89 7.39
CA CYS A 288 -6.64 4.80 7.85
C CYS A 288 -6.95 3.52 8.61
N GLY A 289 -5.95 2.72 8.97
CA GLY A 289 -6.12 1.66 9.94
C GLY A 289 -5.89 0.23 9.46
N LYS A 290 -5.38 0.00 8.25
CA LYS A 290 -5.27 -1.38 7.76
C LYS A 290 -4.27 -2.19 8.58
N THR A 291 -3.10 -1.63 8.87
CA THR A 291 -2.06 -2.37 9.58
C THR A 291 -2.48 -2.67 11.02
N ASN A 292 -3.15 -1.72 11.68
CA ASN A 292 -3.60 -1.95 13.05
C ASN A 292 -4.70 -2.99 13.11
N LEU A 293 -5.52 -3.11 12.06
CA LEU A 293 -6.58 -4.11 12.06
C LEU A 293 -6.05 -5.50 11.78
N ALA A 294 -5.09 -5.62 10.85
CA ALA A 294 -4.56 -6.94 10.50
C ALA A 294 -3.70 -7.52 11.62
N MET A 295 -3.10 -6.66 12.45
CA MET A 295 -2.29 -7.10 13.59
C MET A 295 -3.01 -6.88 14.91
N MET A 296 -4.34 -6.85 14.89
CA MET A 296 -5.10 -6.49 16.08
C MET A 296 -4.95 -7.53 17.18
N ASN A 297 -4.83 -7.05 18.42
CA ASN A 297 -4.93 -7.91 19.60
C ASN A 297 -6.34 -7.79 20.15
N PRO A 298 -7.17 -8.82 20.03
CA PRO A 298 -8.58 -8.66 20.41
C PRO A 298 -8.75 -8.55 21.92
N THR A 299 -9.78 -7.79 22.32
CA THR A 299 -10.14 -7.65 23.72
C THR A 299 -11.21 -8.65 24.15
N LEU A 300 -11.83 -9.36 23.21
CA LEU A 300 -12.81 -10.39 23.54
C LEU A 300 -12.10 -11.71 23.82
N PRO A 301 -12.41 -12.37 24.93
CA PRO A 301 -11.74 -13.64 25.23
C PRO A 301 -12.24 -14.76 24.32
N GLY A 302 -11.30 -15.57 23.83
CA GLY A 302 -11.61 -16.67 22.95
C GLY A 302 -11.49 -16.36 21.47
N TRP A 303 -11.15 -15.13 21.11
CA TRP A 303 -10.98 -14.73 19.71
C TRP A 303 -9.50 -14.58 19.40
N LYS A 304 -9.11 -15.01 18.20
CA LYS A 304 -7.73 -14.91 17.74
C LYS A 304 -7.71 -14.31 16.35
N VAL A 305 -6.81 -13.36 16.12
CA VAL A 305 -6.64 -12.72 14.82
C VAL A 305 -5.23 -13.00 14.32
N GLU A 306 -5.14 -13.53 13.11
CA GLU A 306 -3.87 -13.84 12.47
C GLU A 306 -3.76 -13.05 11.17
N CYS A 307 -2.55 -12.63 10.85
CA CYS A 307 -2.30 -11.67 9.77
C CYS A 307 -1.72 -12.38 8.55
N VAL A 308 -2.38 -12.20 7.40
CA VAL A 308 -1.89 -12.71 6.13
C VAL A 308 -1.16 -11.62 5.34
N GLY A 309 -1.71 -10.41 5.35
CA GLY A 309 -1.10 -9.26 4.71
C GLY A 309 -1.82 -8.02 5.20
N ASP A 310 -1.21 -6.86 4.93
CA ASP A 310 -1.75 -5.62 5.47
C ASP A 310 -1.93 -4.49 4.47
N ASP A 311 -1.67 -4.73 3.18
CA ASP A 311 -1.71 -3.62 2.24
C ASP A 311 -2.18 -3.99 0.84
N ILE A 312 -1.72 -5.13 0.32
CA ILE A 312 -2.00 -5.51 -1.07
C ILE A 312 -2.49 -6.95 -1.09
N ALA A 313 -3.57 -7.19 -1.83
CA ALA A 313 -4.14 -8.51 -1.99
C ALA A 313 -4.40 -8.80 -3.46
N TRP A 314 -4.08 -10.02 -3.88
CA TRP A 314 -4.37 -10.51 -5.22
C TRP A 314 -5.38 -11.64 -5.09
N MET A 315 -6.56 -11.45 -5.67
CA MET A 315 -7.69 -12.35 -5.47
C MET A 315 -8.20 -12.90 -6.80
N LYS A 316 -8.72 -14.13 -6.76
CA LYS A 316 -9.22 -14.80 -7.94
C LYS A 316 -10.14 -15.94 -7.51
N PHE A 317 -11.25 -16.10 -8.22
CA PHE A 317 -12.14 -17.24 -7.98
C PHE A 317 -11.48 -18.53 -8.42
N ASP A 318 -11.62 -19.58 -7.61
CA ASP A 318 -11.04 -20.88 -7.93
C ASP A 318 -12.09 -21.74 -8.62
N ALA A 319 -11.78 -23.02 -8.82
CA ALA A 319 -12.70 -23.90 -9.53
C ALA A 319 -13.98 -24.16 -8.74
N GLN A 320 -13.91 -24.06 -7.41
CA GLN A 320 -15.05 -24.35 -6.55
C GLN A 320 -15.93 -23.13 -6.29
N GLY A 321 -15.60 -21.98 -6.87
CA GLY A 321 -16.38 -20.78 -6.69
C GLY A 321 -15.98 -19.91 -5.51
N ASN A 322 -14.90 -20.25 -4.81
CA ASN A 322 -14.42 -19.47 -3.69
C ASN A 322 -13.44 -18.41 -4.16
N LEU A 323 -13.60 -17.19 -3.64
CA LEU A 323 -12.66 -16.11 -3.91
C LEU A 323 -11.44 -16.31 -3.02
N ARG A 324 -10.29 -16.61 -3.63
CA ARG A 324 -9.07 -16.90 -2.89
C ARG A 324 -8.07 -15.75 -3.06
N ALA A 325 -7.40 -15.40 -1.97
CA ALA A 325 -6.52 -14.24 -1.91
C ALA A 325 -5.13 -14.64 -1.44
N ILE A 326 -4.12 -13.98 -2.00
CA ILE A 326 -2.74 -14.14 -1.55
C ILE A 326 -2.16 -12.75 -1.30
N ASN A 327 -1.21 -12.69 -0.36
CA ASN A 327 -0.43 -11.49 -0.13
C ASN A 327 0.83 -11.57 -0.98
N PRO A 328 0.98 -10.75 -2.02
CA PRO A 328 2.19 -10.84 -2.86
C PRO A 328 3.44 -10.29 -2.21
N GLU A 329 3.33 -9.62 -1.08
CA GLU A 329 4.46 -8.99 -0.44
C GLU A 329 5.17 -9.95 0.51
N ASN A 330 6.34 -9.52 0.99
CA ASN A 330 7.16 -10.32 1.90
C ASN A 330 7.40 -9.64 3.24
N GLY A 331 6.99 -8.39 3.41
CA GLY A 331 7.17 -7.69 4.66
C GLY A 331 6.12 -6.62 4.90
N PHE A 332 6.31 -5.79 5.91
CA PHE A 332 5.39 -4.71 6.23
C PHE A 332 6.12 -3.37 6.16
N PHE A 333 5.49 -2.40 5.52
CA PHE A 333 6.02 -1.05 5.35
C PHE A 333 5.06 -0.08 6.01
N GLY A 334 5.01 -0.12 7.35
CA GLY A 334 3.95 0.53 8.10
C GLY A 334 4.30 1.89 8.66
N VAL A 335 3.25 2.67 8.94
CA VAL A 335 3.40 4.00 9.52
C VAL A 335 3.86 3.86 10.97
N ALA A 336 4.82 4.71 11.36
CA ALA A 336 5.40 4.60 12.69
C ALA A 336 4.59 5.37 13.74
N PRO A 337 4.30 6.67 13.56
CA PRO A 337 3.57 7.40 14.61
C PRO A 337 2.23 6.76 14.92
N GLY A 338 1.92 6.69 16.22
CA GLY A 338 0.72 6.03 16.68
C GLY A 338 0.90 4.59 17.10
N THR A 339 2.02 3.97 16.74
CA THR A 339 2.28 2.57 17.08
C THR A 339 2.82 2.49 18.50
N SER A 340 2.03 1.92 19.41
CA SER A 340 2.43 1.75 20.80
C SER A 340 2.05 0.36 21.27
N VAL A 341 2.38 0.06 22.53
CA VAL A 341 2.04 -1.24 23.10
C VAL A 341 0.54 -1.37 23.27
N LYS A 342 -0.17 -0.27 23.51
CA LYS A 342 -1.61 -0.35 23.75
C LYS A 342 -2.40 -0.42 22.45
N THR A 343 -1.90 0.16 21.37
CA THR A 343 -2.65 0.18 20.12
C THR A 343 -2.31 -1.01 19.23
N ASN A 344 -1.02 -1.24 18.98
CA ASN A 344 -0.56 -2.33 18.11
C ASN A 344 0.60 -3.05 18.80
N PRO A 345 0.31 -3.84 19.83
CA PRO A 345 1.42 -4.55 20.51
C PRO A 345 2.09 -5.59 19.65
N ASN A 346 1.38 -6.19 18.69
CA ASN A 346 2.02 -7.16 17.81
C ASN A 346 3.02 -6.50 16.86
N ALA A 347 2.82 -5.22 16.55
CA ALA A 347 3.80 -4.50 15.74
C ALA A 347 5.08 -4.24 16.53
N ILE A 348 4.96 -3.94 17.82
CA ILE A 348 6.13 -3.65 18.63
C ILE A 348 7.03 -4.88 18.73
N LYS A 349 6.44 -6.07 18.85
CA LYS A 349 7.23 -7.29 18.90
C LYS A 349 7.97 -7.53 17.59
N THR A 350 7.40 -7.10 16.47
CA THR A 350 7.96 -7.43 15.16
C THR A 350 9.14 -6.53 14.79
N ILE A 351 9.08 -5.26 15.16
CA ILE A 351 10.03 -4.27 14.67
C ILE A 351 11.27 -4.20 15.56
N GLN A 352 11.42 -5.15 16.47
CA GLN A 352 12.54 -5.15 17.40
C GLN A 352 13.81 -5.76 16.80
N LYS A 353 13.76 -6.31 15.59
CA LYS A 353 14.95 -6.87 14.99
C LYS A 353 14.79 -6.93 13.47
N ASN A 354 15.93 -6.80 12.78
CA ASN A 354 16.01 -6.89 11.32
C ASN A 354 15.07 -5.89 10.64
N THR A 355 14.92 -4.70 11.24
CA THR A 355 13.97 -3.70 10.78
C THR A 355 14.69 -2.41 10.43
N ILE A 356 14.30 -1.82 9.31
CA ILE A 356 14.86 -0.55 8.84
C ILE A 356 13.81 0.54 9.06
N PHE A 357 14.13 1.50 9.91
CA PHE A 357 13.26 2.65 10.15
C PHE A 357 13.66 3.81 9.25
N THR A 358 12.69 4.68 8.98
CA THR A 358 12.93 5.85 8.13
C THR A 358 12.20 7.06 8.73
N ASN A 359 12.96 8.10 9.04
CA ASN A 359 12.46 9.41 9.47
C ASN A 359 11.78 9.37 10.84
N VAL A 360 12.13 8.42 11.70
CA VAL A 360 11.69 8.45 13.09
C VAL A 360 12.79 9.10 13.92
N ALA A 361 12.51 9.40 15.18
CA ALA A 361 13.50 9.99 16.07
C ALA A 361 14.34 8.90 16.72
N GLU A 362 15.55 9.27 17.14
CA GLU A 362 16.48 8.36 17.79
C GLU A 362 16.77 8.85 19.20
N THR A 363 16.80 7.91 20.15
CA THR A 363 17.16 8.23 21.51
C THR A 363 18.65 7.98 21.75
N SER A 364 19.19 8.66 22.77
CA SER A 364 20.63 8.65 23.00
C SER A 364 21.15 7.26 23.34
N ASP A 365 20.31 6.37 23.84
CA ASP A 365 20.72 5.00 24.17
C ASP A 365 20.54 4.03 23.01
N GLY A 366 20.23 4.54 21.81
CA GLY A 366 20.18 3.70 20.63
C GLY A 366 18.81 3.18 20.26
N GLY A 367 17.73 3.76 20.79
CA GLY A 367 16.39 3.33 20.48
C GLY A 367 15.68 4.30 19.53
N VAL A 368 14.43 3.95 19.23
CA VAL A 368 13.61 4.75 18.33
C VAL A 368 12.58 5.51 19.16
N TYR A 369 12.03 6.57 18.59
CA TYR A 369 11.00 7.34 19.27
C TYR A 369 10.14 8.04 18.22
N TRP A 370 8.84 8.14 18.53
CA TRP A 370 7.91 8.84 17.65
C TRP A 370 6.70 9.25 18.49
N GLU A 371 5.84 10.06 17.88
CA GLU A 371 4.63 10.51 18.55
C GLU A 371 3.67 9.34 18.76
N GLY A 372 3.07 9.28 19.95
CA GLY A 372 2.14 8.22 20.26
C GLY A 372 2.78 6.90 20.65
N ILE A 373 4.10 6.88 20.87
CA ILE A 373 4.73 5.64 21.31
C ILE A 373 4.30 5.31 22.74
N ASP A 374 3.92 6.32 23.52
CA ASP A 374 3.34 6.14 24.85
C ASP A 374 4.25 5.34 25.78
N GLU A 375 5.55 5.62 25.71
CA GLU A 375 6.53 5.02 26.61
C GLU A 375 7.40 6.14 27.17
N PRO A 376 7.47 6.32 28.49
CA PRO A 376 8.38 7.32 29.05
C PRO A 376 9.82 6.85 28.94
N LEU A 377 10.73 7.82 28.85
CA LEU A 377 12.15 7.53 28.74
C LEU A 377 12.83 7.68 30.09
N ALA A 378 13.93 6.94 30.26
CA ALA A 378 14.68 7.01 31.49
C ALA A 378 15.35 8.37 31.63
N PRO A 379 15.62 8.83 32.85
CA PRO A 379 16.30 10.11 33.03
C PRO A 379 17.64 10.14 32.33
N GLY A 380 17.95 11.28 31.69
CA GLY A 380 19.18 11.45 30.97
C GLY A 380 19.15 11.02 29.52
N VAL A 381 18.02 10.51 29.03
CA VAL A 381 17.91 10.07 27.64
C VAL A 381 17.47 11.25 26.79
N THR A 382 18.25 11.58 25.76
CA THR A 382 17.95 12.68 24.85
C THR A 382 17.38 12.15 23.55
N ILE A 383 16.63 13.00 22.86
CA ILE A 383 15.94 12.65 21.63
C ILE A 383 16.48 13.50 20.50
N THR A 384 16.83 12.85 19.39
CA THR A 384 17.23 13.53 18.17
C THR A 384 16.12 13.35 17.14
N SER A 385 15.55 14.47 16.68
CA SER A 385 14.44 14.42 15.74
C SER A 385 14.90 13.89 14.39
N TRP A 386 13.93 13.65 13.51
CA TRP A 386 14.24 13.15 12.17
C TRP A 386 14.98 14.20 11.33
N LYS A 387 14.89 15.47 11.70
CA LYS A 387 15.68 16.53 11.07
C LYS A 387 17.13 16.54 11.54
N ASN A 388 17.54 15.53 12.31
CA ASN A 388 18.90 15.42 12.84
C ASN A 388 19.25 16.65 13.69
N LYS A 389 18.35 16.98 14.62
CA LYS A 389 18.53 18.10 15.53
C LYS A 389 18.12 17.70 16.93
N GLU A 390 18.56 18.47 17.91
CA GLU A 390 18.11 18.27 19.28
C GLU A 390 16.65 18.66 19.41
N TRP A 391 15.86 17.78 20.04
CA TRP A 391 14.42 17.96 20.13
C TRP A 391 13.97 17.85 21.57
N ARG A 392 13.13 18.80 21.99
CA ARG A 392 12.54 18.80 23.33
C ARG A 392 11.03 18.57 23.24
N PRO A 393 10.44 17.93 24.26
CA PRO A 393 9.00 17.66 24.22
C PRO A 393 8.13 18.91 24.26
N GLN A 394 8.70 20.10 24.43
CA GLN A 394 7.91 21.32 24.46
C GLN A 394 8.24 22.24 23.30
N ASP A 395 8.33 21.68 22.10
CA ASP A 395 8.50 22.41 20.86
C ASP A 395 7.23 22.29 20.02
N GLU A 396 7.32 22.69 18.76
CA GLU A 396 6.22 22.53 17.82
C GLU A 396 6.49 21.47 16.76
N GLU A 397 7.71 21.39 16.26
CA GLU A 397 8.05 20.34 15.30
C GLU A 397 7.96 18.98 15.98
N PRO A 398 7.30 18.00 15.38
CA PRO A 398 7.33 16.65 15.94
C PRO A 398 8.69 16.01 15.73
N CYS A 399 9.04 15.08 16.64
CA CYS A 399 10.34 14.45 16.56
C CYS A 399 10.43 13.45 15.40
N ALA A 400 9.32 12.84 15.04
CA ALA A 400 9.26 11.94 13.89
C ALA A 400 8.37 12.53 12.81
N HIS A 401 8.60 12.09 11.58
CA HIS A 401 7.76 12.59 10.50
C HIS A 401 6.40 11.90 10.53
N PRO A 402 5.32 12.61 10.21
CA PRO A 402 3.99 12.00 10.24
C PRO A 402 3.84 10.80 9.31
N ASN A 403 4.67 10.70 8.27
CA ASN A 403 4.65 9.57 7.36
C ASN A 403 5.91 8.72 7.48
N SER A 404 6.62 8.81 8.60
CA SER A 404 7.76 7.94 8.83
C SER A 404 7.31 6.49 8.87
N ARG A 405 8.18 5.59 8.44
CA ARG A 405 7.82 4.19 8.23
C ARG A 405 8.83 3.27 8.88
N PHE A 406 8.40 2.04 9.13
CA PHE A 406 9.28 0.94 9.46
C PHE A 406 9.15 -0.15 8.40
N CYS A 407 10.25 -0.85 8.15
CA CYS A 407 10.33 -1.87 7.12
C CYS A 407 10.83 -3.16 7.78
N THR A 408 9.92 -4.10 7.99
CA THR A 408 10.19 -5.27 8.81
C THR A 408 9.70 -6.52 8.11
N PRO A 409 10.37 -7.66 8.31
CA PRO A 409 9.95 -8.89 7.62
C PRO A 409 8.66 -9.46 8.20
N ALA A 410 7.84 -10.04 7.32
CA ALA A 410 6.55 -10.57 7.74
C ALA A 410 6.69 -11.85 8.54
N SER A 411 7.74 -12.63 8.31
CA SER A 411 7.91 -13.89 9.03
C SER A 411 8.19 -13.68 10.52
N GLN A 412 8.57 -12.47 10.91
CA GLN A 412 8.83 -12.19 12.32
C GLN A 412 7.57 -11.81 13.09
N CYS A 413 6.45 -11.62 12.42
CA CYS A 413 5.23 -11.24 13.12
C CYS A 413 4.77 -12.39 14.00
N PRO A 414 4.48 -12.14 15.28
CA PRO A 414 4.07 -13.25 16.17
C PRO A 414 2.76 -13.90 15.76
N ILE A 415 1.87 -13.16 15.10
CA ILE A 415 0.55 -13.66 14.74
C ILE A 415 0.44 -13.89 13.24
N ILE A 416 1.57 -14.07 12.54
CA ILE A 416 1.52 -14.32 11.11
C ILE A 416 0.76 -15.62 10.85
N ASP A 417 -0.07 -15.61 9.83
CA ASP A 417 -0.95 -16.73 9.55
C ASP A 417 -0.17 -17.86 8.90
N PRO A 418 -0.39 -19.11 9.34
CA PRO A 418 0.35 -20.24 8.77
C PRO A 418 0.07 -20.53 7.30
N ALA A 419 -0.81 -19.76 6.65
CA ALA A 419 -1.06 -19.89 5.22
C ALA A 419 -0.72 -18.60 4.47
N TRP A 420 0.14 -17.76 5.03
CA TRP A 420 0.47 -16.50 4.36
C TRP A 420 1.39 -16.70 3.16
N GLU A 421 2.04 -17.86 3.06
CA GLU A 421 2.88 -18.19 1.91
C GLU A 421 2.31 -19.32 1.08
N SER A 422 1.12 -19.82 1.41
CA SER A 422 0.51 -20.89 0.65
C SER A 422 0.21 -20.38 -0.77
N PRO A 423 0.64 -21.09 -1.81
CA PRO A 423 0.37 -20.63 -3.17
C PRO A 423 -1.08 -20.79 -3.60
N GLU A 424 -1.93 -21.40 -2.78
CA GLU A 424 -3.33 -21.60 -3.14
C GLU A 424 -4.25 -20.50 -2.63
N GLY A 425 -3.83 -19.74 -1.63
CA GLY A 425 -4.60 -18.62 -1.13
C GLY A 425 -5.58 -19.01 -0.04
N VAL A 426 -6.23 -17.99 0.51
CA VAL A 426 -7.20 -18.17 1.58
C VAL A 426 -8.57 -17.75 1.07
N PRO A 427 -9.64 -18.49 1.39
CA PRO A 427 -10.98 -18.11 0.91
C PRO A 427 -11.52 -16.91 1.68
N ILE A 428 -11.86 -15.86 0.95
CA ILE A 428 -12.38 -14.63 1.54
C ILE A 428 -13.89 -14.76 1.66
N GLU A 429 -14.41 -14.53 2.88
CA GLU A 429 -15.84 -14.59 3.13
C GLU A 429 -16.46 -13.22 3.42
N GLY A 430 -15.65 -12.15 3.49
CA GLY A 430 -16.20 -10.84 3.74
C GLY A 430 -15.24 -9.77 3.26
N ILE A 431 -15.80 -8.61 2.91
CA ILE A 431 -15.04 -7.47 2.40
C ILE A 431 -15.50 -6.23 3.15
N ILE A 432 -14.55 -5.47 3.68
CA ILE A 432 -14.83 -4.32 4.53
C ILE A 432 -14.31 -3.06 3.83
N PHE A 433 -15.17 -2.05 3.71
CA PHE A 433 -14.78 -0.73 3.28
C PHE A 433 -14.85 0.25 4.44
N GLY A 434 -14.18 1.38 4.29
CA GLY A 434 -14.22 2.39 5.34
C GLY A 434 -13.16 3.47 5.20
N GLY A 435 -13.43 4.63 5.78
CA GLY A 435 -12.49 5.73 5.78
C GLY A 435 -12.61 6.59 7.02
N ARG A 436 -11.99 7.76 7.00
CA ARG A 436 -12.07 8.71 8.12
C ARG A 436 -13.25 9.65 7.87
N ARG A 437 -14.37 9.39 8.53
CA ARG A 437 -15.55 10.25 8.46
C ARG A 437 -15.89 10.74 9.85
N PRO A 438 -15.65 12.01 10.18
CA PRO A 438 -15.89 12.49 11.54
C PRO A 438 -17.36 12.70 11.89
N ALA A 439 -18.27 12.60 10.93
CA ALA A 439 -19.68 12.82 11.20
C ALA A 439 -20.53 12.10 10.17
N GLY A 440 -21.75 11.78 10.56
CA GLY A 440 -22.73 11.19 9.65
C GLY A 440 -22.69 9.70 9.42
N VAL A 441 -21.51 9.15 9.17
CA VAL A 441 -21.40 7.73 8.82
C VAL A 441 -21.39 6.90 10.11
N PRO A 442 -22.24 5.90 10.24
CA PRO A 442 -22.34 5.14 11.47
C PRO A 442 -21.17 4.17 11.63
N LEU A 443 -21.17 3.46 12.77
CA LEU A 443 -20.04 2.63 13.14
C LEU A 443 -19.84 1.48 12.17
N VAL A 444 -20.92 0.81 11.79
CA VAL A 444 -20.83 -0.32 10.87
C VAL A 444 -22.20 -0.55 10.25
N TYR A 445 -22.20 -0.92 8.97
CA TYR A 445 -23.42 -1.37 8.32
C TYR A 445 -23.06 -2.31 7.18
N GLU A 446 -24.07 -3.02 6.69
CA GLU A 446 -23.90 -4.12 5.75
C GLU A 446 -24.67 -3.82 4.47
N ALA A 447 -24.08 -4.19 3.34
CA ALA A 447 -24.68 -3.92 2.04
C ALA A 447 -25.90 -4.79 1.80
N LEU A 448 -26.81 -4.30 0.96
CA LEU A 448 -28.04 -5.02 0.65
C LEU A 448 -27.83 -6.12 -0.39
N SER A 449 -26.85 -5.95 -1.26
CA SER A 449 -26.59 -6.90 -2.34
C SER A 449 -25.17 -6.70 -2.82
N TRP A 450 -24.78 -7.50 -3.82
CA TRP A 450 -23.46 -7.33 -4.41
C TRP A 450 -23.36 -6.00 -5.15
N GLN A 451 -24.44 -5.59 -5.83
CA GLN A 451 -24.41 -4.34 -6.57
C GLN A 451 -24.39 -3.13 -5.63
N HIS A 452 -25.19 -3.17 -4.57
CA HIS A 452 -25.14 -2.09 -3.58
C HIS A 452 -23.77 -2.00 -2.93
N GLY A 453 -23.15 -3.16 -2.68
CA GLY A 453 -21.82 -3.15 -2.06
C GLY A 453 -20.77 -2.53 -2.96
N VAL A 454 -20.83 -2.83 -4.26
CA VAL A 454 -19.93 -2.18 -5.20
C VAL A 454 -20.13 -0.67 -5.18
N PHE A 455 -21.39 -0.23 -5.10
CA PHE A 455 -21.68 1.20 -4.99
C PHE A 455 -21.13 1.78 -3.69
N VAL A 456 -21.17 1.01 -2.60
CA VAL A 456 -20.65 1.50 -1.33
C VAL A 456 -19.16 1.73 -1.41
N GLY A 457 -18.42 0.79 -2.00
CA GLY A 457 -17.01 1.00 -2.22
C GLY A 457 -16.72 2.13 -3.18
N ALA A 458 -17.58 2.33 -4.17
CA ALA A 458 -17.39 3.42 -5.11
C ALA A 458 -17.70 4.77 -4.49
N ALA A 459 -18.47 4.81 -3.41
CA ALA A 459 -18.86 6.05 -2.76
C ALA A 459 -18.01 6.38 -1.54
N MET A 460 -16.87 5.72 -1.37
CA MET A 460 -16.05 5.95 -0.18
C MET A 460 -15.49 7.36 -0.16
N ARG A 461 -15.47 7.95 1.04
CA ARG A 461 -14.88 9.26 1.25
C ARG A 461 -14.14 9.25 2.58
N SER A 462 -13.12 10.10 2.69
CA SER A 462 -12.26 10.09 3.86
C SER A 462 -11.49 11.40 3.92
N GLU A 463 -10.95 11.68 5.10
CA GLU A 463 -10.07 12.83 5.28
C GLU A 463 -8.70 12.55 4.68
N ALA A 464 -8.03 13.61 4.23
CA ALA A 464 -6.70 13.47 3.66
C ALA A 464 -5.68 13.10 4.73
N THR A 465 -4.67 12.33 4.32
CA THR A 465 -3.67 11.80 5.23
C THR A 465 -2.27 12.22 4.78
N ALA A 466 -1.27 11.81 5.56
CA ALA A 466 0.11 12.21 5.33
C ALA A 466 0.82 11.34 4.30
N ALA A 467 0.16 10.33 3.73
CA ALA A 467 0.82 9.45 2.78
C ALA A 467 0.97 10.07 1.40
N ALA A 468 0.26 11.16 1.13
CA ALA A 468 0.37 11.86 -0.15
C ALA A 468 0.67 13.33 0.15
N GLU A 469 0.50 14.18 -0.86
CA GLU A 469 0.77 15.60 -0.73
C GLU A 469 -0.47 16.42 -0.42
N HIS A 470 -1.54 15.77 0.02
CA HIS A 470 -2.79 16.46 0.31
C HIS A 470 -2.74 17.09 1.69
N LYS A 471 -3.26 18.31 1.80
CA LYS A 471 -3.29 19.05 3.05
C LYS A 471 -4.69 19.60 3.28
N GLY A 472 -4.98 19.89 4.55
CA GLY A 472 -6.23 20.52 4.95
C GLY A 472 -7.23 19.59 5.60
N LYS A 473 -6.98 18.28 5.61
CA LYS A 473 -7.91 17.30 6.16
C LYS A 473 -9.29 17.42 5.52
N VAL A 474 -9.32 17.80 4.24
CA VAL A 474 -10.56 17.96 3.50
C VAL A 474 -11.08 16.59 3.10
N ILE A 475 -12.40 16.41 3.21
CA ILE A 475 -13.01 15.13 2.86
C ILE A 475 -13.00 14.95 1.35
N MET A 476 -12.29 13.94 0.88
CA MET A 476 -12.15 13.64 -0.54
C MET A 476 -12.75 12.28 -0.84
N HIS A 477 -12.99 12.04 -2.13
CA HIS A 477 -13.41 10.72 -2.60
C HIS A 477 -12.20 9.81 -2.73
N ASP A 478 -12.36 8.56 -2.32
CA ASP A 478 -11.32 7.55 -2.45
C ASP A 478 -11.99 6.19 -2.66
N PRO A 479 -12.57 5.98 -3.84
CA PRO A 479 -13.33 4.74 -4.08
C PRO A 479 -12.43 3.51 -3.99
N PHE A 480 -12.89 2.52 -3.24
CA PHE A 480 -12.16 1.27 -3.03
C PHE A 480 -10.77 1.50 -2.46
N ALA A 481 -10.53 2.69 -1.89
CA ALA A 481 -9.21 3.09 -1.40
C ALA A 481 -8.15 2.98 -2.50
N MET A 482 -8.58 3.08 -3.75
CA MET A 482 -7.72 2.84 -4.90
C MET A 482 -7.51 4.09 -5.76
N ARG A 483 -7.91 5.26 -5.28
CA ARG A 483 -7.76 6.48 -6.07
C ARG A 483 -6.33 6.73 -6.54
N PRO A 484 -5.28 6.61 -5.71
CA PRO A 484 -3.93 6.84 -6.21
C PRO A 484 -3.32 5.67 -6.97
N PHE A 485 -4.04 4.56 -7.12
CA PHE A 485 -3.44 3.33 -7.63
C PHE A 485 -4.21 2.70 -8.79
N PHE A 486 -5.17 3.40 -9.38
CA PHE A 486 -5.89 2.84 -10.52
C PHE A 486 -4.95 2.70 -11.71
N GLY A 487 -4.96 1.53 -12.34
CA GLY A 487 -4.09 1.28 -13.47
C GLY A 487 -4.78 1.42 -14.80
N TYR A 488 -6.11 1.47 -14.80
CA TYR A 488 -6.87 1.60 -16.03
C TYR A 488 -8.18 2.33 -15.72
N ASN A 489 -9.06 2.39 -16.71
CA ASN A 489 -10.28 3.19 -16.63
C ASN A 489 -11.14 2.75 -15.44
N PHE A 490 -11.44 3.70 -14.56
CA PHE A 490 -12.20 3.39 -13.35
C PHE A 490 -13.62 2.93 -13.67
N GLY A 491 -14.20 3.45 -14.75
CA GLY A 491 -15.51 2.96 -15.18
C GLY A 491 -15.48 1.48 -15.54
N LYS A 492 -14.42 1.05 -16.24
CA LYS A 492 -14.26 -0.37 -16.52
C LYS A 492 -13.92 -1.15 -15.26
N TYR A 493 -13.21 -0.52 -14.32
CA TYR A 493 -12.95 -1.12 -13.03
C TYR A 493 -14.25 -1.51 -12.32
N LEU A 494 -15.22 -0.58 -12.30
CA LEU A 494 -16.50 -0.85 -11.66
C LEU A 494 -17.23 -1.99 -12.37
N ALA A 495 -17.14 -2.04 -13.71
CA ALA A 495 -17.78 -3.13 -14.45
C ALA A 495 -17.10 -4.46 -14.18
N HIS A 496 -15.79 -4.44 -13.94
CA HIS A 496 -15.07 -5.68 -13.63
C HIS A 496 -15.51 -6.25 -12.29
N TRP A 497 -15.82 -5.39 -11.32
CA TRP A 497 -16.31 -5.87 -10.03
C TRP A 497 -17.72 -6.43 -10.16
N LEU A 498 -18.59 -5.73 -10.89
CA LEU A 498 -19.97 -6.18 -11.05
C LEU A 498 -20.06 -7.48 -11.83
N SER A 499 -19.10 -7.73 -12.72
CA SER A 499 -19.14 -8.94 -13.54
C SER A 499 -18.89 -10.21 -12.73
N MET A 500 -18.34 -10.08 -11.52
N MET A 500 -18.34 -10.09 -11.52
CA MET A 500 -18.10 -11.26 -10.70
CA MET A 500 -18.10 -11.28 -10.71
C MET A 500 -19.39 -11.93 -10.25
C MET A 500 -19.38 -11.91 -10.20
N ALA A 501 -20.49 -11.17 -10.20
CA ALA A 501 -21.79 -11.73 -9.83
C ALA A 501 -22.39 -12.56 -10.94
N HIS A 502 -21.72 -12.67 -12.10
CA HIS A 502 -22.19 -13.49 -13.20
C HIS A 502 -21.50 -14.84 -13.27
N ARG A 503 -20.39 -15.03 -12.56
CA ARG A 503 -19.62 -16.26 -12.67
C ARG A 503 -20.42 -17.44 -12.11
N PRO A 504 -20.25 -18.63 -12.70
CA PRO A 504 -21.02 -19.79 -12.24
C PRO A 504 -20.61 -20.24 -10.85
N ALA A 505 -21.61 -20.54 -10.02
CA ALA A 505 -21.40 -21.04 -8.66
C ALA A 505 -20.50 -20.11 -7.86
N ALA A 506 -20.66 -18.81 -8.08
CA ALA A 506 -19.85 -17.82 -7.40
C ALA A 506 -20.35 -17.62 -5.97
N LYS A 507 -19.45 -17.78 -5.01
CA LYS A 507 -19.75 -17.56 -3.59
C LYS A 507 -19.28 -16.15 -3.26
N LEU A 508 -20.12 -15.17 -3.52
CA LEU A 508 -19.75 -13.78 -3.31
C LEU A 508 -19.70 -13.47 -1.82
N PRO A 509 -18.65 -12.83 -1.33
CA PRO A 509 -18.60 -12.46 0.09
C PRO A 509 -19.56 -11.33 0.41
N LYS A 510 -19.88 -11.21 1.70
CA LYS A 510 -20.63 -10.06 2.16
C LYS A 510 -19.75 -8.81 2.14
N ILE A 511 -20.40 -7.65 2.15
CA ILE A 511 -19.71 -6.37 2.08
C ILE A 511 -20.19 -5.49 3.24
N PHE A 512 -19.25 -4.98 4.02
CA PHE A 512 -19.53 -4.11 5.15
C PHE A 512 -18.85 -2.76 4.95
N HIS A 513 -19.33 -1.76 5.69
CA HIS A 513 -18.70 -0.45 5.74
C HIS A 513 -18.57 -0.03 7.20
N VAL A 514 -17.35 0.30 7.61
CA VAL A 514 -17.07 0.68 9.00
C VAL A 514 -16.60 2.13 9.03
N ASN A 515 -16.64 2.69 10.24
CA ASN A 515 -16.15 4.05 10.47
C ASN A 515 -15.67 4.11 11.92
N TRP A 516 -14.35 3.98 12.11
CA TRP A 516 -13.80 4.11 13.45
C TRP A 516 -13.64 5.55 13.90
N PHE A 517 -13.82 6.52 13.01
CA PHE A 517 -13.36 7.88 13.24
C PHE A 517 -14.49 8.88 13.39
N ARG A 518 -15.68 8.42 13.78
CA ARG A 518 -16.78 9.35 14.03
C ARG A 518 -16.55 10.09 15.34
N LYS A 519 -16.77 11.41 15.31
CA LYS A 519 -16.55 12.26 16.46
C LYS A 519 -17.89 12.81 16.97
N ASP A 520 -17.86 13.31 18.20
CA ASP A 520 -19.02 13.90 18.84
C ASP A 520 -19.00 15.42 18.64
N LYS A 521 -19.82 16.12 19.43
CA LYS A 521 -19.86 17.58 19.37
C LYS A 521 -18.63 18.22 20.00
N ASN A 522 -17.83 17.45 20.75
CA ASN A 522 -16.68 18.01 21.46
C ASN A 522 -15.39 17.93 20.66
N GLY A 523 -15.32 17.06 19.65
CA GLY A 523 -14.12 16.88 18.87
C GLY A 523 -13.31 15.64 19.21
N LYS A 524 -13.82 14.75 20.05
CA LYS A 524 -13.15 13.52 20.40
C LYS A 524 -13.89 12.33 19.80
N PHE A 525 -13.18 11.20 19.72
CA PHE A 525 -13.75 10.02 19.09
C PHE A 525 -14.80 9.38 19.97
N LEU A 526 -15.80 8.78 19.33
CA LEU A 526 -16.89 8.08 20.01
C LEU A 526 -16.63 6.60 20.19
N TRP A 527 -15.60 6.06 19.54
CA TRP A 527 -15.31 4.63 19.58
C TRP A 527 -13.83 4.47 19.93
N PRO A 528 -13.50 3.61 20.91
CA PRO A 528 -12.08 3.44 21.26
C PRO A 528 -11.25 2.83 20.16
N GLY A 529 -11.83 2.00 19.32
CA GLY A 529 -11.10 1.42 18.21
C GLY A 529 -10.02 0.47 18.67
N PHE A 530 -9.09 0.19 17.76
CA PHE A 530 -7.92 -0.67 18.00
C PHE A 530 -8.43 -2.05 18.40
N GLY A 531 -8.08 -2.55 19.59
CA GLY A 531 -8.47 -3.89 19.97
C GLY A 531 -9.96 -4.08 20.13
N GLU A 532 -10.68 -3.00 20.45
CA GLU A 532 -12.13 -3.08 20.62
C GLU A 532 -12.86 -3.26 19.30
N ASN A 533 -12.18 -3.02 18.17
CA ASN A 533 -12.79 -3.29 16.87
C ASN A 533 -13.15 -4.76 16.70
N SER A 534 -12.60 -5.63 17.56
CA SER A 534 -13.02 -7.03 17.57
C SER A 534 -14.50 -7.18 17.84
N ARG A 535 -15.09 -6.25 18.60
CA ARG A 535 -16.53 -6.30 18.85
C ARG A 535 -17.32 -6.12 17.56
N VAL A 536 -16.85 -5.25 16.66
CA VAL A 536 -17.51 -5.08 15.37
C VAL A 536 -17.28 -6.30 14.50
N LEU A 537 -16.08 -6.88 14.56
CA LEU A 537 -15.79 -8.08 13.78
C LEU A 537 -16.59 -9.28 14.26
N GLU A 538 -16.93 -9.33 15.55
CA GLU A 538 -17.77 -10.41 16.05
C GLU A 538 -19.15 -10.39 15.41
N TRP A 539 -19.73 -9.19 15.25
CA TRP A 539 -21.03 -9.08 14.59
C TRP A 539 -20.95 -9.50 13.14
N MET A 540 -19.84 -9.16 12.46
CA MET A 540 -19.67 -9.58 11.07
C MET A 540 -19.56 -11.08 10.95
N PHE A 541 -18.84 -11.72 11.88
CA PHE A 541 -18.69 -13.17 11.85
C PHE A 541 -20.05 -13.86 11.93
N GLY A 542 -20.94 -13.38 12.79
CA GLY A 542 -22.26 -13.98 12.89
C GLY A 542 -23.12 -13.71 11.67
N ARG A 543 -22.99 -12.52 11.09
CA ARG A 543 -23.74 -12.20 9.88
C ARG A 543 -23.37 -13.12 8.72
N ILE A 544 -22.10 -13.53 8.66
CA ILE A 544 -21.69 -14.47 7.63
C ILE A 544 -22.26 -15.86 7.91
N GLU A 545 -22.32 -16.25 9.18
CA GLU A 545 -22.94 -17.52 9.55
C GLU A 545 -24.45 -17.53 9.35
N GLY A 546 -25.05 -16.37 9.11
CA GLY A 546 -26.48 -16.30 8.88
C GLY A 546 -27.31 -15.97 10.10
N GLU A 547 -26.72 -15.38 11.13
CA GLU A 547 -27.48 -15.00 12.31
C GLU A 547 -28.41 -13.83 12.01
N ASP A 548 -29.59 -13.87 12.62
CA ASP A 548 -30.61 -12.84 12.41
C ASP A 548 -30.41 -11.74 13.46
N SER A 549 -29.40 -10.91 13.23
CA SER A 549 -29.03 -9.86 14.18
C SER A 549 -28.93 -8.49 13.50
N ALA A 550 -29.56 -8.31 12.35
CA ALA A 550 -29.51 -7.08 11.59
C ALA A 550 -30.85 -6.38 11.58
N LYS A 551 -30.81 -5.08 11.28
CA LYS A 551 -31.99 -4.22 11.20
C LYS A 551 -31.90 -3.40 9.93
N LEU A 552 -33.01 -3.32 9.19
CA LEU A 552 -33.02 -2.66 7.90
C LEU A 552 -33.17 -1.15 8.06
N THR A 553 -32.27 -0.40 7.45
CA THR A 553 -32.26 1.06 7.43
C THR A 553 -32.18 1.53 5.99
N PRO A 554 -32.42 2.82 5.74
CA PRO A 554 -32.32 3.32 4.35
C PRO A 554 -30.93 3.20 3.72
N ILE A 555 -29.89 2.92 4.50
CA ILE A 555 -28.53 2.82 3.95
C ILE A 555 -28.00 1.40 3.94
N GLY A 556 -28.65 0.46 4.61
CA GLY A 556 -28.18 -0.90 4.68
C GLY A 556 -28.61 -1.54 5.99
N TYR A 557 -28.01 -2.68 6.29
CA TYR A 557 -28.29 -3.41 7.51
C TYR A 557 -27.36 -2.92 8.62
N VAL A 558 -27.92 -2.56 9.77
CA VAL A 558 -27.13 -2.19 10.93
C VAL A 558 -27.42 -3.21 12.02
N PRO A 559 -26.54 -3.32 13.02
CA PRO A 559 -26.81 -4.27 14.11
C PRO A 559 -28.06 -3.90 14.89
N LYS A 560 -28.78 -4.92 15.34
CA LYS A 560 -29.93 -4.69 16.19
C LYS A 560 -29.50 -4.11 17.54
N GLU A 561 -30.49 -3.73 18.34
CA GLU A 561 -30.22 -3.32 19.71
C GLU A 561 -29.75 -4.53 20.52
N ASP A 562 -28.70 -4.32 21.29
CA ASP A 562 -28.07 -5.38 22.10
C ASP A 562 -27.56 -6.52 21.22
N ALA A 563 -27.24 -6.24 19.97
CA ALA A 563 -26.62 -7.21 19.09
C ALA A 563 -25.10 -7.18 19.15
N LEU A 564 -24.52 -6.05 19.54
CA LEU A 564 -23.09 -5.90 19.69
C LEU A 564 -22.69 -6.14 21.14
N ASN A 565 -21.59 -6.85 21.34
CA ASN A 565 -21.05 -7.06 22.68
C ASN A 565 -20.40 -5.77 23.14
N LEU A 566 -21.06 -5.05 24.05
CA LEU A 566 -20.53 -3.83 24.63
C LEU A 566 -20.18 -3.99 26.10
N LYS A 567 -20.10 -5.23 26.58
CA LYS A 567 -19.75 -5.49 27.97
C LYS A 567 -18.29 -5.10 28.20
N GLY A 568 -18.06 -4.30 29.24
CA GLY A 568 -16.76 -3.71 29.47
C GLY A 568 -16.66 -2.26 29.04
N LEU A 569 -17.65 -1.75 28.33
CA LEU A 569 -17.71 -0.35 27.93
C LEU A 569 -18.88 0.32 28.63
N GLY A 570 -20.08 0.17 28.08
CA GLY A 570 -21.29 0.63 28.72
C GLY A 570 -21.55 2.11 28.52
N ASP A 571 -20.52 2.92 28.73
CA ASP A 571 -20.60 4.37 28.58
C ASP A 571 -20.66 4.82 27.13
N VAL A 572 -20.70 3.90 26.17
CA VAL A 572 -20.72 4.27 24.76
C VAL A 572 -22.10 4.82 24.41
N ASN A 573 -22.11 5.96 23.71
CA ASN A 573 -23.36 6.59 23.27
C ASN A 573 -23.77 5.94 21.96
N VAL A 574 -24.56 4.87 22.07
CA VAL A 574 -24.98 4.14 20.88
C VAL A 574 -25.93 4.95 20.01
N GLU A 575 -26.59 5.97 20.57
CA GLU A 575 -27.51 6.78 19.78
C GLU A 575 -26.79 7.59 18.72
N GLU A 576 -25.55 8.02 18.99
CA GLU A 576 -24.78 8.79 18.03
C GLU A 576 -23.88 7.91 17.16
N LEU A 577 -23.52 6.72 17.63
CA LEU A 577 -22.73 5.81 16.80
C LEU A 577 -23.52 5.24 15.63
N PHE A 578 -24.85 5.22 15.72
CA PHE A 578 -25.70 4.71 14.65
C PHE A 578 -26.76 5.72 14.23
N GLY A 579 -26.58 6.99 14.59
CA GLY A 579 -27.54 8.01 14.20
C GLY A 579 -27.50 8.25 12.70
N ILE A 580 -28.65 8.12 12.05
CA ILE A 580 -28.78 8.34 10.62
C ILE A 580 -29.59 9.62 10.45
N SER A 581 -28.90 10.73 10.19
CA SER A 581 -29.57 11.99 9.95
C SER A 581 -29.99 12.10 8.48
N LYS A 582 -31.26 12.42 8.25
CA LYS A 582 -31.72 12.61 6.89
C LYS A 582 -31.07 13.82 6.23
N GLU A 583 -30.85 14.88 7.00
CA GLU A 583 -30.22 16.08 6.46
C GLU A 583 -28.78 15.81 6.04
N PHE A 584 -28.10 14.90 6.72
CA PHE A 584 -26.72 14.58 6.34
C PHE A 584 -26.68 13.76 5.05
N TRP A 585 -27.52 12.73 4.96
CA TRP A 585 -27.46 11.82 3.83
C TRP A 585 -28.07 12.41 2.56
N GLU A 586 -28.90 13.45 2.68
CA GLU A 586 -29.39 14.13 1.49
C GLU A 586 -28.29 14.95 0.83
N LYS A 587 -27.38 15.52 1.64
CA LYS A 587 -26.23 16.20 1.07
C LYS A 587 -25.19 15.22 0.56
N GLU A 588 -25.05 14.08 1.24
CA GLU A 588 -24.05 13.09 0.84
C GLU A 588 -24.35 12.49 -0.52
N VAL A 589 -25.63 12.22 -0.80
CA VAL A 589 -25.97 11.65 -2.10
C VAL A 589 -25.79 12.67 -3.21
N GLU A 590 -25.97 13.96 -2.91
CA GLU A 590 -25.74 14.99 -3.92
C GLU A 590 -24.27 15.04 -4.31
N GLU A 591 -23.37 14.96 -3.33
CA GLU A 591 -21.95 14.99 -3.63
C GLU A 591 -21.52 13.74 -4.38
N ILE A 592 -22.11 12.59 -4.05
CA ILE A 592 -21.82 11.37 -4.79
C ILE A 592 -22.34 11.47 -6.22
N ASP A 593 -23.53 12.04 -6.39
CA ASP A 593 -24.11 12.21 -7.72
C ASP A 593 -23.25 13.12 -8.58
N LYS A 594 -22.86 14.27 -8.04
CA LYS A 594 -22.04 15.21 -8.80
C LYS A 594 -20.65 14.65 -9.10
N TYR A 595 -20.11 13.84 -8.19
CA TYR A 595 -18.79 13.27 -8.39
C TYR A 595 -18.79 12.21 -9.48
N LEU A 596 -19.73 11.26 -9.40
CA LEU A 596 -19.80 10.20 -10.38
C LEU A 596 -20.15 10.73 -11.77
N GLU A 597 -21.09 11.68 -11.83
CA GLU A 597 -21.49 12.23 -13.13
C GLU A 597 -20.33 12.94 -13.81
N ASP A 598 -19.50 13.64 -13.04
CA ASP A 598 -18.40 14.39 -13.62
C ASP A 598 -17.20 13.50 -13.91
N GLN A 599 -16.88 12.56 -13.02
CA GLN A 599 -15.63 11.82 -13.13
C GLN A 599 -15.75 10.53 -13.95
N VAL A 600 -16.89 9.84 -13.88
CA VAL A 600 -17.04 8.56 -14.58
C VAL A 600 -17.78 8.80 -15.90
N ASN A 601 -18.75 9.72 -15.89
CA ASN A 601 -19.43 10.23 -17.09
C ASN A 601 -20.00 9.06 -17.89
N ALA A 602 -19.60 8.85 -19.15
CA ALA A 602 -20.26 7.85 -19.97
C ALA A 602 -19.78 6.43 -19.74
N ASP A 603 -18.76 6.24 -18.91
CA ASP A 603 -18.24 4.92 -18.57
C ASP A 603 -18.82 4.40 -17.26
N LEU A 604 -19.88 5.02 -16.77
CA LEU A 604 -20.50 4.60 -15.52
C LEU A 604 -21.48 3.46 -15.79
N PRO A 605 -21.30 2.30 -15.18
CA PRO A 605 -22.25 1.20 -15.40
C PRO A 605 -23.64 1.58 -14.91
N TYR A 606 -24.65 1.05 -15.61
CA TYR A 606 -26.03 1.39 -15.29
C TYR A 606 -26.41 0.94 -13.88
N GLU A 607 -25.92 -0.22 -13.45
CA GLU A 607 -26.27 -0.73 -12.14
C GLU A 607 -25.72 0.14 -11.03
N ILE A 608 -24.63 0.87 -11.27
CA ILE A 608 -24.15 1.83 -10.29
C ILE A 608 -25.09 3.03 -10.23
N GLU A 609 -25.63 3.45 -11.37
CA GLU A 609 -26.60 4.53 -11.38
C GLU A 609 -27.93 4.10 -10.76
N ARG A 610 -28.28 2.82 -10.89
CA ARG A 610 -29.52 2.33 -10.30
C ARG A 610 -29.45 2.31 -8.78
N GLU A 611 -28.28 1.99 -8.23
CA GLU A 611 -28.10 2.03 -6.78
C GLU A 611 -28.14 3.46 -6.26
N LEU A 612 -27.52 4.39 -7.00
CA LEU A 612 -27.57 5.79 -6.62
C LEU A 612 -29.01 6.30 -6.58
N ARG A 613 -29.83 5.88 -7.56
CA ARG A 613 -31.22 6.30 -7.59
C ARG A 613 -32.02 5.65 -6.45
N ALA A 614 -31.76 4.37 -6.19
CA ALA A 614 -32.49 3.68 -5.13
C ALA A 614 -32.18 4.27 -3.76
N LEU A 615 -30.91 4.57 -3.50
CA LEU A 615 -30.54 5.17 -2.22
C LEU A 615 -31.16 6.55 -2.07
N LYS A 616 -31.17 7.34 -3.15
CA LYS A 616 -31.80 8.66 -3.09
C LYS A 616 -33.29 8.56 -2.80
N GLN A 617 -33.94 7.51 -3.30
CA GLN A 617 -35.37 7.33 -3.04
C GLN A 617 -35.60 6.90 -1.60
N ARG A 618 -34.80 5.94 -1.10
CA ARG A 618 -34.96 5.48 0.27
C ARG A 618 -34.73 6.60 1.27
N ILE A 619 -33.84 7.54 0.95
CA ILE A 619 -33.54 8.63 1.87
C ILE A 619 -34.64 9.69 1.84
N SER A 620 -35.23 9.94 0.66
CA SER A 620 -36.30 10.93 0.57
C SER A 620 -37.56 10.48 1.28
N GLN A 621 -37.73 9.18 1.53
CA GLN A 621 -38.90 8.66 2.21
C GLN A 621 -38.81 8.77 3.73
N MET A 622 -37.67 9.21 4.27
CA MET A 622 -37.49 9.31 5.71
C MET A 622 -38.33 10.43 6.30
MN MN B . 0.02 -0.18 6.43
MN MN C . -1.01 1.33 1.38
MN MN D . -25.50 -7.50 -13.45
C1 OXL E . 1.52 3.02 1.80
C2 OXL E . 0.37 3.89 1.19
O1 OXL E . 1.25 1.84 2.05
O2 OXL E . -0.78 3.40 1.26
O3 OXL E . 2.62 3.59 1.99
O4 OXL E . 0.67 5.00 0.70
PG GTP F . -0.99 2.51 4.70
O1G GTP F . 0.01 1.63 5.39
O2G GTP F . -0.30 3.73 4.14
O3G GTP F . -1.66 1.76 3.57
O3B GTP F . -2.11 2.99 5.75
PB GTP F . -2.71 2.08 6.94
O1B GTP F . -2.02 0.74 7.02
O2B GTP F . -4.20 1.92 6.71
O3A GTP F . -2.41 2.95 8.27
PA GTP F . -2.24 2.28 9.72
O1A GTP F . -0.78 2.02 9.98
O2A GTP F . -3.04 1.02 9.87
O5' GTP F . -2.73 3.42 10.75
C5' GTP F . -2.89 4.76 10.35
C4' GTP F . -3.03 5.59 11.61
O4' GTP F . -4.38 5.47 12.03
C3' GTP F . -2.17 5.06 12.75
O3' GTP F . -1.17 5.99 13.07
C2' GTP F . -3.10 4.87 13.93
O2' GTP F . -2.71 5.69 15.01
C1' GTP F . -4.48 5.27 13.43
N9 GTP F . -5.44 4.21 13.71
C8 GTP F . -5.37 2.89 13.32
N7 GTP F . -6.46 2.24 13.78
C5 GTP F . -7.24 3.12 14.46
C6 GTP F . -8.45 2.99 15.12
O6 GTP F . -9.02 1.90 15.16
N1 GTP F . -9.02 4.09 15.74
C2 GTP F . -8.38 5.32 15.68
N2 GTP F . -8.92 6.38 16.27
N3 GTP F . -7.17 5.43 15.02
C4 GTP F . -6.61 4.36 14.43
C1 PGE G . -5.42 -19.76 -6.34
O1 PGE G . -6.24 -20.68 -7.02
C2 PGE G . -5.78 -18.35 -6.76
O2 PGE G . -5.06 -17.42 -6.02
C3 PGE G . -5.51 -16.10 -6.22
C4 PGE G . -4.36 -15.20 -6.58
O4 PGE G . -3.89 -14.98 -10.70
C6 PGE G . -2.97 -14.35 -9.85
C5 PGE G . -3.59 -14.11 -8.50
O3 PGE G . -4.05 -15.33 -7.94
#